data_5XUI
#
_entry.id   5XUI
#
_cell.length_a   49.345
_cell.length_b   81.443
_cell.length_c   158.745
_cell.angle_alpha   90.00
_cell.angle_beta   90.00
_cell.angle_gamma   90.00
#
_symmetry.space_group_name_H-M   'P 21 21 21'
#
loop_
_entity.id
_entity.type
_entity.pdbx_description
1 polymer "cAMP and cAMP-inhibited cGMP 3',5'-cyclic phosphodiesterase 10A"
2 non-polymer 'ZINC ION'
3 non-polymer 'MAGNESIUM ION'
4 non-polymer 2-methyl-5-[2-([1,2,4]triazolo[1,5-a]pyrimidin-2-yl)ethyl]pyrazolo[1,5-a]pyrimidin-7-ol
5 water water
#
_entity_poly.entity_id   1
_entity_poly.type   'polypeptide(L)'
_entity_poly.pdbx_seq_one_letter_code
;GSHMSICTSEEWQGLMQFTLPVRLCKEIELFHFDIGPFENMWPGIFVYMVHRSCGTSCFELEKLCRFIMSVKKNYRRVPY
HNWKHAVTVAHCMYAILQNNHTLFTDLERKGLLIACLCHDLDHRGFSNSYLQKFDHPLAALYSTSTMEQHHFSQTVSILQ
LEGHNIFSTLSSSEYEQVLEIIRKAIIATDLALYFGNRKQLEEMYQTGSLNLNNQSHRDRVIGLMMTACDLCSVTKLWPV
TKLTANDIYAEFWAEGDEMKKLGIQPIPMMDRDKKDEVPQGQLGFYNAVAIPCYTTLTQILPPTEPLLKACRDNLSQWEK
VIRGEETATWISSPSVAQKAAASED
;
_entity_poly.pdbx_strand_id   A,B
#
loop_
_chem_comp.id
_chem_comp.type
_chem_comp.name
_chem_comp.formula
8G3 non-polymer 2-methyl-5-[2-([1,2,4]triazolo[1,5-a]pyrimidin-2-yl)ethyl]pyrazolo[1,5-a]pyrimidin-7-ol 'C14 H13 N7 O'
MG non-polymer 'MAGNESIUM ION' 'Mg 2'
ZN non-polymer 'ZINC ION' 'Zn 2'
#
# COMPACT_ATOMS: atom_id res chain seq x y z
N MET A 4 -5.70 36.18 -18.64
CA MET A 4 -5.36 36.21 -17.18
C MET A 4 -6.34 37.09 -16.41
N SER A 5 -6.56 36.76 -15.14
CA SER A 5 -7.66 37.31 -14.37
C SER A 5 -7.30 37.78 -12.95
N ILE A 6 -7.90 38.92 -12.53
CA ILE A 6 -7.57 39.65 -11.31
C ILE A 6 -8.81 39.82 -10.38
N CYS A 7 -8.62 40.37 -9.17
CA CYS A 7 -9.73 40.57 -8.21
C CYS A 7 -10.14 42.05 -7.98
N THR A 8 -11.39 42.24 -7.52
CA THR A 8 -11.99 43.54 -7.14
C THR A 8 -11.52 44.01 -5.75
N SER A 9 -11.48 45.32 -5.52
CA SER A 9 -11.08 45.89 -4.20
C SER A 9 -11.97 45.40 -3.04
N GLU A 10 -13.29 45.40 -3.24
CA GLU A 10 -14.27 44.92 -2.27
C GLU A 10 -13.90 43.59 -1.62
N GLU A 11 -13.80 42.56 -2.44
CA GLU A 11 -13.47 41.18 -2.03
C GLU A 11 -12.28 41.10 -1.04
N TRP A 12 -11.13 41.67 -1.44
CA TRP A 12 -9.90 41.53 -0.67
C TRP A 12 -9.87 42.38 0.59
N GLN A 13 -10.61 43.49 0.59
CA GLN A 13 -10.75 44.31 1.77
C GLN A 13 -11.62 43.56 2.81
N GLY A 14 -12.55 42.74 2.33
CA GLY A 14 -13.34 41.85 3.20
C GLY A 14 -12.52 40.75 3.86
N LEU A 15 -11.30 40.56 3.35
CA LEU A 15 -10.38 39.52 3.82
C LEU A 15 -9.56 39.95 5.06
N MET A 16 -9.25 41.24 5.16
CA MET A 16 -8.47 41.77 6.28
C MET A 16 -9.30 41.84 7.56
N GLN A 17 -10.57 42.21 7.44
CA GLN A 17 -11.48 42.21 8.58
C GLN A 17 -11.60 40.83 9.21
N PHE A 18 -11.59 39.78 8.38
CA PHE A 18 -11.85 38.43 8.87
C PHE A 18 -10.89 37.95 9.97
N THR A 19 -11.51 37.40 11.02
CA THR A 19 -10.83 36.80 12.16
C THR A 19 -11.46 35.45 12.40
N LEU A 20 -10.61 34.44 12.57
CA LEU A 20 -11.08 33.05 12.70
C LEU A 20 -11.81 32.83 14.01
N PRO A 21 -13.04 32.27 13.96
CA PRO A 21 -13.81 31.96 15.18
C PRO A 21 -12.97 31.13 16.12
N VAL A 22 -12.89 31.57 17.38
CA VAL A 22 -11.99 31.02 18.37
C VAL A 22 -12.09 29.50 18.60
N ARG A 23 -13.26 28.89 18.42
CA ARG A 23 -13.38 27.43 18.54
C ARG A 23 -12.55 26.64 17.51
N LEU A 24 -12.28 27.26 16.36
CA LEU A 24 -11.58 26.55 15.31
C LEU A 24 -10.06 26.42 15.51
N CYS A 25 -9.50 27.17 16.46
CA CYS A 25 -8.05 27.20 16.66
C CYS A 25 -7.40 25.87 17.06
N LYS A 26 -8.15 25.02 17.75
CA LYS A 26 -7.59 23.76 18.14
C LYS A 26 -7.87 22.76 17.04
N GLU A 27 -9.11 22.78 16.53
CA GLU A 27 -9.55 21.85 15.50
C GLU A 27 -8.72 21.92 14.22
N ILE A 28 -8.27 23.11 13.87
CA ILE A 28 -7.53 23.32 12.62
C ILE A 28 -6.13 22.74 12.65
N GLU A 29 -5.63 22.49 13.85
CA GLU A 29 -4.27 21.99 13.96
C GLU A 29 -4.32 20.53 13.64
N LEU A 30 -5.51 19.93 13.71
CA LEU A 30 -5.65 18.51 13.45
C LEU A 30 -5.54 18.16 11.97
N PHE A 31 -4.80 17.10 11.68
CA PHE A 31 -4.67 16.65 10.32
C PHE A 31 -6.04 16.35 9.72
N HIS A 32 -6.88 15.62 10.46
CA HIS A 32 -8.21 15.21 9.96
C HIS A 32 -9.24 16.35 9.86
N PHE A 33 -8.86 17.55 10.26
CA PHE A 33 -9.73 18.73 10.15
C PHE A 33 -10.29 18.87 8.76
N ASP A 34 -11.57 19.21 8.69
CA ASP A 34 -12.31 19.33 7.44
C ASP A 34 -12.76 20.76 7.21
N ILE A 35 -12.38 21.35 6.07
CA ILE A 35 -12.72 22.74 5.84
C ILE A 35 -14.13 22.94 5.27
N GLY A 36 -14.82 21.85 4.98
CA GLY A 36 -16.08 21.87 4.19
C GLY A 36 -17.23 22.73 4.72
N PRO A 37 -17.50 22.68 6.04
CA PRO A 37 -18.61 23.47 6.61
C PRO A 37 -18.37 24.99 6.72
N PHE A 38 -17.27 25.49 6.18
CA PHE A 38 -16.86 26.87 6.43
C PHE A 38 -16.47 27.66 5.20
N GLU A 39 -17.27 27.54 4.13
CA GLU A 39 -16.89 28.14 2.86
C GLU A 39 -16.49 29.63 2.91
N ASN A 40 -17.35 30.46 3.49
CA ASN A 40 -17.15 31.91 3.64
C ASN A 40 -15.73 32.14 4.10
N MET A 41 -15.23 31.20 4.90
CA MET A 41 -13.98 31.39 5.63
C MET A 41 -12.75 30.83 4.94
N TRP A 42 -12.94 30.08 3.85
CA TRP A 42 -11.78 29.44 3.20
C TRP A 42 -10.61 30.39 2.92
N PRO A 43 -10.85 31.59 2.31
CA PRO A 43 -9.67 32.45 2.08
C PRO A 43 -9.11 32.96 3.40
N GLY A 44 -9.99 33.11 4.39
CA GLY A 44 -9.58 33.58 5.70
C GLY A 44 -8.70 32.58 6.43
N ILE A 45 -9.09 31.31 6.31
CA ILE A 45 -8.32 30.24 6.87
C ILE A 45 -6.90 30.20 6.26
N PHE A 46 -6.78 30.44 4.96
CA PHE A 46 -5.45 30.40 4.40
C PHE A 46 -4.59 31.41 5.12
N VAL A 47 -5.15 32.62 5.27
CA VAL A 47 -4.49 33.75 5.93
C VAL A 47 -4.06 33.37 7.34
N TYR A 48 -5.01 32.83 8.09
CA TYR A 48 -4.74 32.29 9.42
C TYR A 48 -3.50 31.38 9.41
N MET A 49 -3.46 30.44 8.47
CA MET A 49 -2.42 29.42 8.45
C MET A 49 -1.09 30.03 8.07
N VAL A 50 -1.09 31.05 7.23
CA VAL A 50 0.16 31.67 6.91
C VAL A 50 0.57 32.46 8.14
N HIS A 51 -0.39 33.14 8.76
CA HIS A 51 -0.07 33.93 9.92
C HIS A 51 0.56 33.14 11.08
N ARG A 52 0.00 31.98 11.39
CA ARG A 52 0.66 31.05 12.30
C ARG A 52 1.98 30.50 11.72
N SER A 53 1.96 30.08 10.47
CA SER A 53 3.10 29.41 9.89
C SER A 53 4.38 30.22 9.92
N CYS A 54 4.31 31.52 9.59
CA CYS A 54 5.50 32.37 9.59
C CYS A 54 5.26 33.84 9.92
N GLY A 55 4.39 34.08 10.89
CA GLY A 55 4.11 35.44 11.40
C GLY A 55 3.12 36.32 10.65
N THR A 56 2.66 37.39 11.29
CA THR A 56 1.78 38.36 10.63
C THR A 56 2.60 39.39 9.83
N SER A 57 3.84 39.06 9.47
CA SER A 57 4.67 40.00 8.71
C SER A 57 5.69 39.34 7.79
N CYS A 58 5.46 38.08 7.44
CA CYS A 58 6.30 37.46 6.42
C CYS A 58 5.90 38.01 5.03
N PHE A 59 4.67 38.52 4.95
CA PHE A 59 4.12 39.15 3.77
C PHE A 59 3.42 40.43 4.16
N GLU A 60 3.45 41.42 3.27
CA GLU A 60 2.58 42.58 3.39
C GLU A 60 1.16 42.09 3.45
N LEU A 61 0.41 42.56 4.44
CA LEU A 61 -0.94 42.08 4.62
C LEU A 61 -1.83 42.37 3.40
N GLU A 62 -1.80 43.62 2.99
CA GLU A 62 -2.58 44.11 1.86
C GLU A 62 -2.25 43.27 0.62
N LYS A 63 -0.96 43.08 0.36
CA LYS A 63 -0.46 42.41 -0.85
C LYS A 63 -0.83 40.92 -0.89
N LEU A 64 -0.92 40.30 0.29
CA LEU A 64 -1.28 38.89 0.38
C LEU A 64 -2.78 38.69 0.10
N CYS A 65 -3.63 39.58 0.61
CA CYS A 65 -5.07 39.43 0.37
C CYS A 65 -5.46 39.53 -1.12
N ARG A 66 -4.83 40.44 -1.84
CA ARG A 66 -4.98 40.51 -3.29
C ARG A 66 -4.76 39.17 -3.98
N PHE A 67 -3.63 38.55 -3.67
CA PHE A 67 -3.20 37.29 -4.26
C PHE A 67 -4.23 36.17 -4.04
N ILE A 68 -4.61 35.99 -2.78
CA ILE A 68 -5.46 34.89 -2.36
C ILE A 68 -6.78 34.90 -3.14
N MET A 69 -7.27 36.11 -3.34
CA MET A 69 -8.56 36.32 -3.95
C MET A 69 -8.55 36.19 -5.48
N SER A 70 -7.42 36.54 -6.10
CA SER A 70 -7.23 36.31 -7.54
C SER A 70 -7.13 34.82 -7.79
N VAL A 71 -6.44 34.12 -6.90
CA VAL A 71 -6.25 32.70 -7.02
C VAL A 71 -7.61 32.03 -6.98
N LYS A 72 -8.45 32.46 -6.05
CA LYS A 72 -9.83 31.98 -5.97
C LYS A 72 -10.58 32.20 -7.30
N LYS A 73 -10.40 33.40 -7.86
CA LYS A 73 -11.01 33.76 -9.12
C LYS A 73 -10.64 32.79 -10.22
N ASN A 74 -9.43 32.25 -10.15
CA ASN A 74 -8.95 31.32 -11.17
C ASN A 74 -9.16 29.82 -10.87
N TYR A 75 -10.08 29.50 -9.96
CA TYR A 75 -10.50 28.11 -9.82
C TYR A 75 -11.84 27.95 -10.46
N ARG A 76 -11.93 27.07 -11.43
CA ARG A 76 -13.19 26.86 -12.11
C ARG A 76 -14.22 26.20 -11.18
N ARG A 77 -15.50 26.39 -11.53
CA ARG A 77 -16.61 25.82 -10.78
C ARG A 77 -16.75 24.37 -11.20
N VAL A 78 -15.69 23.58 -10.98
CA VAL A 78 -15.70 22.15 -11.27
C VAL A 78 -15.99 21.40 -9.97
N PRO A 79 -16.47 20.13 -10.02
CA PRO A 79 -16.88 19.47 -8.76
C PRO A 79 -15.75 19.02 -7.82
N TYR A 80 -14.57 18.69 -8.34
CA TYR A 80 -13.46 18.30 -7.45
C TYR A 80 -12.20 19.22 -7.50
N HIS A 81 -11.62 19.41 -8.69
CA HIS A 81 -10.44 20.28 -8.83
C HIS A 81 -10.74 21.79 -8.74
N ASN A 82 -11.25 22.21 -7.59
CA ASN A 82 -11.74 23.57 -7.40
C ASN A 82 -11.08 24.27 -6.22
N TRP A 83 -11.68 25.38 -5.79
CA TRP A 83 -11.16 26.19 -4.70
C TRP A 83 -11.09 25.41 -3.38
N LYS A 84 -11.98 24.44 -3.23
CA LYS A 84 -12.05 23.69 -2.00
C LYS A 84 -10.85 22.76 -1.87
N HIS A 85 -10.53 22.10 -2.98
CA HIS A 85 -9.39 21.19 -3.04
C HIS A 85 -8.11 21.99 -2.87
N ALA A 86 -8.09 23.20 -3.43
CA ALA A 86 -6.91 24.04 -3.29
C ALA A 86 -6.59 24.24 -1.81
N VAL A 87 -7.54 24.74 -1.05
CA VAL A 87 -7.38 25.05 0.37
C VAL A 87 -7.24 23.80 1.22
N THR A 88 -8.06 22.79 0.96
CA THR A 88 -7.97 21.57 1.71
C THR A 88 -6.54 21.06 1.69
N VAL A 89 -5.97 20.99 0.48
CA VAL A 89 -4.58 20.63 0.25
C VAL A 89 -3.66 21.54 1.04
N ALA A 90 -3.90 22.83 0.95
CA ALA A 90 -3.08 23.81 1.65
C ALA A 90 -3.06 23.58 3.18
N HIS A 91 -4.21 23.20 3.75
CA HIS A 91 -4.34 22.86 5.17
C HIS A 91 -3.53 21.65 5.61
N CYS A 92 -3.46 20.64 4.73
CA CYS A 92 -2.67 19.45 5.02
C CYS A 92 -1.19 19.82 5.11
N MET A 93 -0.71 20.57 4.11
CA MET A 93 0.65 21.04 4.11
C MET A 93 0.93 21.88 5.37
N TYR A 94 -0.05 22.68 5.79
CA TYR A 94 0.09 23.51 6.99
C TYR A 94 0.37 22.64 8.20
N ALA A 95 -0.53 21.69 8.46
CA ALA A 95 -0.33 20.72 9.50
C ALA A 95 1.01 19.95 9.40
N ILE A 96 1.46 19.67 8.18
CA ILE A 96 2.72 18.93 8.03
C ILE A 96 3.90 19.81 8.47
N LEU A 97 3.81 21.11 8.19
CA LEU A 97 4.89 22.03 8.50
C LEU A 97 4.89 22.34 9.98
N GLN A 98 3.69 22.45 10.53
CA GLN A 98 3.53 22.72 11.94
C GLN A 98 4.07 21.59 12.80
N ASN A 99 3.99 20.35 12.31
CA ASN A 99 4.44 19.19 13.09
C ASN A 99 5.89 18.84 12.86
N ASN A 100 6.54 19.56 11.96
CA ASN A 100 7.93 19.31 11.61
C ASN A 100 8.64 20.64 11.64
N HIS A 101 8.42 21.35 12.75
CA HIS A 101 8.78 22.76 12.94
C HIS A 101 10.17 23.17 12.44
N THR A 102 11.19 22.38 12.76
CA THR A 102 12.57 22.80 12.48
C THR A 102 13.23 22.08 11.33
N LEU A 103 12.44 21.49 10.44
CA LEU A 103 13.02 20.76 9.34
C LEU A 103 13.15 21.58 8.08
N PHE A 104 12.27 22.56 7.92
CA PHE A 104 12.22 23.33 6.69
C PHE A 104 12.53 24.80 6.90
N THR A 105 13.11 25.42 5.88
CA THR A 105 13.49 26.82 5.93
C THR A 105 12.25 27.71 5.77
N ASP A 106 12.33 28.92 6.30
CA ASP A 106 11.27 29.91 6.13
C ASP A 106 10.83 29.99 4.68
N LEU A 107 11.82 29.95 3.80
CA LEU A 107 11.60 30.05 2.37
C LEU A 107 10.73 28.89 1.83
N GLU A 108 11.08 27.66 2.21
CA GLU A 108 10.27 26.51 1.86
C GLU A 108 8.85 26.63 2.40
N ARG A 109 8.71 26.93 3.69
CA ARG A 109 7.41 27.06 4.33
C ARG A 109 6.43 27.93 3.54
N LYS A 110 6.77 29.21 3.33
CA LYS A 110 5.97 30.09 2.45
C LYS A 110 5.79 29.44 1.06
N GLY A 111 6.93 29.08 0.44
CA GLY A 111 6.95 28.47 -0.88
C GLY A 111 5.89 27.40 -1.03
N LEU A 112 5.86 26.48 -0.06
CA LEU A 112 4.99 25.32 -0.11
C LEU A 112 3.53 25.62 0.13
N LEU A 113 3.24 26.54 1.04
CA LEU A 113 1.83 26.92 1.26
C LEU A 113 1.26 27.62 0.02
N ILE A 114 2.10 28.39 -0.66
CA ILE A 114 1.66 29.10 -1.85
C ILE A 114 1.48 28.09 -3.02
N ALA A 115 2.40 27.14 -3.13
CA ALA A 115 2.30 26.13 -4.17
C ALA A 115 1.06 25.22 -3.98
N CYS A 116 0.79 24.77 -2.76
CA CYS A 116 -0.48 24.07 -2.53
C CYS A 116 -1.75 24.87 -2.91
N LEU A 117 -1.75 26.18 -2.68
CA LEU A 117 -2.93 26.96 -3.02
C LEU A 117 -3.10 27.03 -4.54
N CYS A 118 -2.01 27.03 -5.27
CA CYS A 118 -2.06 27.15 -6.73
C CYS A 118 -1.90 25.83 -7.43
N HIS A 119 -1.80 24.75 -6.66
CA HIS A 119 -1.43 23.45 -7.19
C HIS A 119 -2.31 23.05 -8.42
N ASP A 120 -3.61 23.30 -8.37
CA ASP A 120 -4.50 22.81 -9.39
C ASP A 120 -5.23 23.97 -10.07
N LEU A 121 -4.47 25.03 -10.35
CA LEU A 121 -4.99 26.32 -10.79
C LEU A 121 -5.53 26.34 -12.20
N ASP A 122 -6.73 26.90 -12.37
CA ASP A 122 -7.43 26.96 -13.67
C ASP A 122 -7.65 25.57 -14.26
N HIS A 123 -7.98 24.62 -13.40
CA HIS A 123 -8.18 23.26 -13.81
C HIS A 123 -9.49 23.21 -14.54
N ARG A 124 -9.54 22.42 -15.61
CA ARG A 124 -10.73 22.36 -16.45
C ARG A 124 -11.71 21.27 -16.02
N GLY A 125 -11.23 20.27 -15.30
CA GLY A 125 -12.05 19.10 -14.99
C GLY A 125 -11.64 17.97 -15.91
N PHE A 126 -10.54 18.16 -16.63
CA PHE A 126 -10.08 17.16 -17.56
C PHE A 126 -8.72 16.68 -17.19
N SER A 127 -8.50 15.37 -17.36
CA SER A 127 -7.24 14.72 -17.06
C SER A 127 -6.15 15.06 -18.09
N ASN A 128 -4.90 14.78 -17.73
CA ASN A 128 -3.78 14.95 -18.66
C ASN A 128 -3.90 14.10 -19.90
N SER A 129 -4.27 12.84 -19.68
CA SER A 129 -4.51 11.88 -20.73
C SER A 129 -5.48 12.48 -21.72
N TYR A 130 -6.63 12.92 -21.20
CA TYR A 130 -7.72 13.43 -22.02
C TYR A 130 -7.32 14.58 -22.96
N LEU A 131 -6.54 15.54 -22.45
CA LEU A 131 -6.12 16.69 -23.24
C LEU A 131 -5.12 16.34 -24.32
N GLN A 132 -4.15 15.49 -23.99
CA GLN A 132 -3.17 14.98 -24.94
C GLN A 132 -3.84 14.06 -25.94
N LYS A 133 -4.76 13.24 -25.45
CA LYS A 133 -5.46 12.25 -26.27
C LYS A 133 -6.24 12.91 -27.41
N PHE A 134 -6.97 13.99 -27.11
CA PHE A 134 -7.80 14.65 -28.14
C PHE A 134 -8.31 16.08 -27.92
N ASP A 135 -7.65 17.13 -28.42
CA ASP A 135 -6.22 17.21 -28.78
C ASP A 135 -5.85 18.68 -28.57
N HIS A 136 -6.20 19.14 -27.37
CA HIS A 136 -6.27 20.54 -26.94
C HIS A 136 -5.02 21.37 -27.18
N PRO A 137 -5.18 22.71 -27.28
CA PRO A 137 -4.06 23.65 -27.31
C PRO A 137 -3.18 23.63 -26.04
N LEU A 138 -3.77 23.29 -24.89
CA LEU A 138 -2.99 23.21 -23.65
C LEU A 138 -2.03 22.02 -23.65
N ALA A 139 -2.39 20.98 -24.41
CA ALA A 139 -1.51 19.82 -24.59
C ALA A 139 -0.51 20.06 -25.71
N ALA A 140 -0.82 21.00 -26.59
CA ALA A 140 0.06 21.40 -27.70
C ALA A 140 1.18 22.36 -27.26
N LEU A 141 1.02 22.97 -26.08
CA LEU A 141 2.07 23.77 -25.43
C LEU A 141 2.94 22.92 -24.48
N TYR A 142 2.30 22.25 -23.52
CA TYR A 142 2.99 21.43 -22.53
C TYR A 142 2.80 19.94 -22.82
N SER A 143 3.88 19.25 -23.16
CA SER A 143 3.78 17.86 -23.60
C SER A 143 3.59 16.84 -22.47
N THR A 144 4.43 16.91 -21.44
CA THR A 144 4.23 16.07 -20.24
C THR A 144 3.87 16.97 -19.07
N SER A 145 3.20 16.39 -18.07
CA SER A 145 2.68 17.13 -16.93
C SER A 145 1.91 18.33 -17.48
N THR A 146 0.99 18.05 -18.38
CA THR A 146 0.29 19.06 -19.14
C THR A 146 -0.44 20.08 -18.29
N MET A 147 -1.25 19.61 -17.35
CA MET A 147 -2.07 20.50 -16.57
C MET A 147 -1.24 21.15 -15.48
N GLU A 148 -0.21 20.44 -15.00
CA GLU A 148 0.70 20.96 -13.96
C GLU A 148 1.42 22.24 -14.41
N GLN A 149 2.12 22.16 -15.56
CA GLN A 149 2.78 23.35 -16.13
C GLN A 149 1.84 24.57 -16.25
N HIS A 150 0.65 24.35 -16.79
CA HIS A 150 -0.38 25.39 -16.83
C HIS A 150 -0.58 25.95 -15.42
N HIS A 151 -0.81 25.03 -14.46
CA HIS A 151 -1.03 25.35 -13.04
C HIS A 151 0.03 26.32 -12.53
N PHE A 152 1.28 26.00 -12.85
CA PHE A 152 2.39 26.82 -12.43
C PHE A 152 2.41 28.14 -13.20
N SER A 153 2.20 28.05 -14.51
CA SER A 153 2.21 29.23 -15.35
C SER A 153 1.14 30.21 -14.89
N GLN A 154 -0.06 29.69 -14.62
CA GLN A 154 -1.12 30.51 -14.05
C GLN A 154 -0.58 31.22 -12.81
N THR A 155 0.21 30.50 -12.01
CA THR A 155 0.74 30.99 -10.74
C THR A 155 1.68 32.18 -10.96
N VAL A 156 2.74 31.96 -11.73
CA VAL A 156 3.63 33.02 -12.16
C VAL A 156 2.84 34.26 -12.62
N SER A 157 1.78 34.06 -13.41
CA SER A 157 1.08 35.19 -13.97
C SER A 157 0.41 35.99 -12.89
N ILE A 158 -0.37 35.32 -12.04
CA ILE A 158 -1.01 36.02 -10.93
C ILE A 158 0.03 36.83 -10.12
N LEU A 159 1.18 36.24 -9.84
CA LEU A 159 2.21 36.96 -9.08
C LEU A 159 2.64 38.25 -9.75
N GLN A 160 2.79 38.21 -11.06
CA GLN A 160 3.32 39.37 -11.76
C GLN A 160 2.25 40.40 -12.07
N LEU A 161 1.07 40.23 -11.48
CA LEU A 161 0.06 41.28 -11.59
C LEU A 161 0.41 42.43 -10.64
N GLU A 162 -0.28 43.55 -10.87
CA GLU A 162 -0.13 44.78 -10.12
C GLU A 162 -0.17 44.53 -8.61
N GLY A 163 0.94 44.85 -7.93
CA GLY A 163 1.02 44.69 -6.47
C GLY A 163 0.32 43.43 -5.95
N HIS A 164 0.62 42.31 -6.58
CA HIS A 164 0.17 40.99 -6.14
C HIS A 164 1.41 40.24 -5.67
N ASN A 165 2.57 40.72 -6.11
CA ASN A 165 3.84 40.05 -5.92
C ASN A 165 4.33 40.02 -4.49
N ILE A 166 3.56 39.32 -3.65
CA ILE A 166 3.93 38.94 -2.29
C ILE A 166 5.41 38.53 -2.10
N PHE A 167 6.11 38.20 -3.16
CA PHE A 167 7.51 37.84 -2.97
C PHE A 167 8.50 38.97 -3.32
N SER A 168 7.98 40.16 -3.63
CA SER A 168 8.78 41.28 -4.18
C SER A 168 9.90 41.81 -3.26
N THR A 169 9.63 41.86 -1.96
CA THR A 169 10.60 42.32 -0.93
C THR A 169 11.91 41.51 -0.88
N LEU A 170 11.83 40.24 -1.24
CA LEU A 170 12.97 39.32 -1.17
C LEU A 170 14.06 39.70 -2.17
N SER A 171 15.27 39.19 -1.94
CA SER A 171 16.36 39.30 -2.89
C SER A 171 15.93 38.72 -4.22
N SER A 172 16.64 39.05 -5.30
CA SER A 172 16.36 38.47 -6.62
C SER A 172 16.72 36.96 -6.69
N SER A 173 17.66 36.51 -5.84
CA SER A 173 18.03 35.09 -5.78
C SER A 173 17.12 34.28 -4.83
N GLU A 174 16.52 34.94 -3.85
CA GLU A 174 15.52 34.30 -2.99
C GLU A 174 14.19 34.20 -3.74
N TYR A 175 13.84 35.27 -4.45
CA TYR A 175 12.69 35.27 -5.35
C TYR A 175 12.77 34.09 -6.34
N GLU A 176 13.79 34.14 -7.20
CA GLU A 176 14.10 33.05 -8.11
C GLU A 176 14.78 32.00 -7.23
N GLN A 177 14.08 30.90 -6.96
CA GLN A 177 14.50 29.92 -5.94
C GLN A 177 13.29 29.48 -5.11
N VAL A 178 12.55 30.44 -4.57
CA VAL A 178 11.23 30.16 -4.00
C VAL A 178 10.33 29.75 -5.17
N LEU A 179 10.58 30.36 -6.33
CA LEU A 179 9.86 29.98 -7.55
C LEU A 179 10.26 28.60 -8.06
N GLU A 180 11.54 28.30 -7.91
CA GLU A 180 12.07 27.00 -8.15
C GLU A 180 11.32 26.01 -7.24
N ILE A 181 11.33 26.30 -5.93
CA ILE A 181 10.70 25.44 -4.95
C ILE A 181 9.26 25.23 -5.36
N ILE A 182 8.57 26.34 -5.63
CA ILE A 182 7.15 26.31 -6.03
C ILE A 182 6.94 25.45 -7.28
N ARG A 183 7.83 25.59 -8.25
CA ARG A 183 7.65 24.91 -9.51
C ARG A 183 7.70 23.39 -9.34
N LYS A 184 8.79 22.87 -8.77
CA LYS A 184 8.95 21.42 -8.58
C LYS A 184 7.74 20.90 -7.84
N ALA A 185 7.41 21.55 -6.74
CA ALA A 185 6.30 21.17 -5.91
C ALA A 185 5.06 20.89 -6.75
N ILE A 186 4.62 21.91 -7.50
CA ILE A 186 3.44 21.78 -8.36
C ILE A 186 3.60 20.65 -9.39
N ILE A 187 4.73 20.66 -10.12
CA ILE A 187 4.99 19.64 -11.09
C ILE A 187 4.85 18.29 -10.40
N ALA A 188 5.41 18.18 -9.21
CA ALA A 188 5.36 16.95 -8.44
C ALA A 188 3.95 16.45 -8.19
N THR A 189 2.94 17.31 -8.30
CA THR A 189 1.55 16.84 -8.11
C THR A 189 0.98 16.03 -9.28
N ASP A 190 1.82 15.70 -10.26
CA ASP A 190 1.44 14.86 -11.36
C ASP A 190 1.50 13.43 -10.85
N LEU A 191 0.35 12.77 -10.67
CA LEU A 191 0.37 11.44 -10.06
C LEU A 191 1.29 10.49 -10.81
N ALA A 192 1.32 10.58 -12.13
CA ALA A 192 2.29 9.82 -12.92
C ALA A 192 3.72 9.81 -12.35
N LEU A 193 4.20 10.96 -11.84
CA LEU A 193 5.61 11.07 -11.40
C LEU A 193 5.84 10.53 -10.00
N TYR A 194 4.75 10.49 -9.22
CA TYR A 194 4.79 9.99 -7.87
C TYR A 194 5.42 8.61 -7.73
N PHE A 195 5.00 7.66 -8.56
CA PHE A 195 5.41 6.26 -8.43
C PHE A 195 6.92 6.04 -8.44
N GLY A 196 7.63 6.62 -9.40
CA GLY A 196 9.07 6.49 -9.42
C GLY A 196 9.68 7.19 -8.21
N ASN A 197 9.16 8.37 -7.90
CA ASN A 197 9.72 9.20 -6.84
C ASN A 197 9.70 8.45 -5.52
N ARG A 198 8.52 7.96 -5.17
CA ARG A 198 8.32 7.21 -3.95
C ARG A 198 9.25 6.01 -3.95
N LYS A 199 9.26 5.29 -5.06
CA LYS A 199 10.10 4.11 -5.17
C LYS A 199 11.55 4.46 -4.78
N GLN A 200 12.06 5.57 -5.32
CA GLN A 200 13.40 6.08 -5.01
C GLN A 200 13.64 6.35 -3.53
N LEU A 201 12.75 7.12 -2.93
CA LEU A 201 12.85 7.44 -1.52
C LEU A 201 12.84 6.20 -0.66
N GLU A 202 12.05 5.21 -1.08
CA GLU A 202 11.91 3.95 -0.37
C GLU A 202 13.27 3.28 -0.34
N GLU A 203 13.93 3.23 -1.50
CA GLU A 203 15.25 2.66 -1.61
C GLU A 203 16.22 3.48 -0.77
N MET A 204 16.28 4.79 -1.03
CA MET A 204 17.22 5.63 -0.30
C MET A 204 17.11 5.48 1.21
N TYR A 205 15.91 5.28 1.70
CA TYR A 205 15.70 5.19 3.13
C TYR A 205 16.13 3.84 3.62
N GLN A 206 15.84 2.81 2.82
CA GLN A 206 16.15 1.44 3.19
C GLN A 206 17.65 1.29 3.36
N THR A 207 18.43 1.78 2.40
CA THR A 207 19.88 1.66 2.54
C THR A 207 20.40 2.71 3.53
N GLY A 208 19.53 3.65 3.88
CA GLY A 208 19.93 4.77 4.75
C GLY A 208 20.83 5.78 4.07
N SER A 209 20.71 5.92 2.75
CA SER A 209 21.42 6.96 1.98
C SER A 209 20.62 8.26 1.83
N LEU A 210 19.38 8.24 2.33
CA LEU A 210 18.53 9.41 2.31
C LEU A 210 19.18 10.53 3.11
N ASN A 211 19.40 11.67 2.47
CA ASN A 211 20.08 12.81 3.10
C ASN A 211 19.32 14.11 2.92
N LEU A 212 18.80 14.66 4.02
CA LEU A 212 18.05 15.89 3.91
C LEU A 212 18.93 17.10 3.63
N ASN A 213 20.25 16.95 3.79
CA ASN A 213 21.19 17.98 3.36
C ASN A 213 21.39 17.99 1.84
N ASN A 214 21.02 16.90 1.19
CA ASN A 214 21.08 16.78 -0.26
C ASN A 214 19.87 17.44 -0.94
N GLN A 215 20.14 18.43 -1.78
CA GLN A 215 19.10 19.25 -2.41
C GLN A 215 18.06 18.48 -3.20
N SER A 216 18.49 17.45 -3.91
CA SER A 216 17.54 16.70 -4.71
C SER A 216 16.81 15.63 -3.86
N HIS A 217 17.30 15.40 -2.65
CA HIS A 217 16.60 14.52 -1.73
C HIS A 217 15.44 15.29 -1.14
N ARG A 218 15.75 16.52 -0.72
CA ARG A 218 14.76 17.50 -0.28
C ARG A 218 13.65 17.60 -1.31
N ASP A 219 14.02 17.81 -2.56
CA ASP A 219 13.02 18.00 -3.61
C ASP A 219 12.10 16.78 -3.68
N ARG A 220 12.71 15.60 -3.69
CA ARG A 220 11.97 14.34 -3.58
C ARG A 220 11.07 14.29 -2.35
N VAL A 221 11.62 14.50 -1.16
CA VAL A 221 10.78 14.46 0.04
C VAL A 221 9.58 15.41 -0.10
N ILE A 222 9.84 16.59 -0.65
CA ILE A 222 8.79 17.62 -0.79
C ILE A 222 7.71 17.12 -1.73
N GLY A 223 8.15 16.56 -2.87
CA GLY A 223 7.25 15.94 -3.85
C GLY A 223 6.32 15.02 -3.11
N LEU A 224 6.91 14.04 -2.42
CA LEU A 224 6.12 13.14 -1.62
C LEU A 224 5.17 13.86 -0.68
N MET A 225 5.56 15.01 -0.15
CA MET A 225 4.67 15.75 0.74
C MET A 225 3.51 16.35 -0.04
N MET A 226 3.81 16.84 -1.23
CA MET A 226 2.78 17.39 -2.10
C MET A 226 1.76 16.33 -2.45
N THR A 227 2.24 15.10 -2.71
CA THR A 227 1.36 14.01 -3.12
C THR A 227 0.49 13.66 -1.95
N ALA A 228 1.13 13.48 -0.79
CA ALA A 228 0.41 13.31 0.48
C ALA A 228 -0.69 14.38 0.70
N CYS A 229 -0.37 15.63 0.35
CA CYS A 229 -1.35 16.67 0.48
C CYS A 229 -2.45 16.56 -0.58
N ASP A 230 -2.08 16.28 -1.84
CA ASP A 230 -3.07 16.30 -2.92
C ASP A 230 -4.18 15.27 -2.67
N LEU A 231 -3.80 14.20 -2.00
CA LEU A 231 -4.67 13.06 -1.81
C LEU A 231 -5.38 12.95 -0.48
N CYS A 232 -5.33 13.98 0.36
CA CYS A 232 -5.76 13.81 1.77
C CYS A 232 -7.25 13.75 2.07
N SER A 233 -8.11 13.59 1.05
CA SER A 233 -9.53 13.35 1.30
C SER A 233 -9.61 12.04 2.05
N VAL A 234 -8.68 11.16 1.68
CA VAL A 234 -8.60 9.84 2.24
C VAL A 234 -8.16 9.90 3.69
N THR A 235 -7.64 11.04 4.13
CA THR A 235 -7.16 11.14 5.52
C THR A 235 -8.19 11.75 6.46
N LYS A 236 -9.38 12.01 5.96
CA LYS A 236 -10.38 12.69 6.77
C LYS A 236 -11.28 11.68 7.44
N LEU A 237 -12.17 12.16 8.30
CA LEU A 237 -13.19 11.29 8.88
C LEU A 237 -14.08 10.68 7.83
N TRP A 238 -14.45 9.43 8.05
CA TRP A 238 -15.21 8.66 7.08
C TRP A 238 -16.33 9.44 6.34
N PRO A 239 -17.25 10.10 7.10
CA PRO A 239 -18.35 10.85 6.45
C PRO A 239 -17.86 11.97 5.54
N VAL A 240 -16.78 12.63 5.92
CA VAL A 240 -16.15 13.57 5.02
C VAL A 240 -15.54 12.86 3.79
N THR A 241 -14.91 11.70 4.00
CA THR A 241 -14.22 11.00 2.90
C THR A 241 -15.20 10.54 1.79
N LYS A 242 -16.32 9.96 2.24
CA LYS A 242 -17.49 9.63 1.40
C LYS A 242 -17.95 10.73 0.45
N LEU A 243 -18.16 11.93 0.97
CA LEU A 243 -18.69 13.02 0.15
C LEU A 243 -17.67 13.57 -0.86
N THR A 244 -16.42 13.72 -0.42
CA THR A 244 -15.33 14.10 -1.30
C THR A 244 -15.17 13.03 -2.37
N ALA A 245 -15.43 11.78 -1.99
CA ALA A 245 -15.49 10.73 -3.01
C ALA A 245 -16.54 11.09 -4.09
N ASN A 246 -17.75 11.53 -3.69
CA ASN A 246 -18.79 11.88 -4.68
C ASN A 246 -18.41 13.03 -5.58
N ASP A 247 -17.60 13.95 -5.06
CA ASP A 247 -17.11 15.07 -5.85
C ASP A 247 -16.06 14.61 -6.86
N ILE A 248 -15.18 13.69 -6.46
CA ILE A 248 -14.15 13.22 -7.40
C ILE A 248 -14.72 12.54 -8.67
N TYR A 249 -15.75 11.71 -8.48
CA TYR A 249 -16.34 10.88 -9.55
C TYR A 249 -17.24 11.66 -10.49
N ALA A 250 -17.94 12.65 -9.95
CA ALA A 250 -18.72 13.60 -10.75
C ALA A 250 -17.87 14.19 -11.87
N GLU A 251 -16.64 14.58 -11.52
CA GLU A 251 -15.68 15.12 -12.47
C GLU A 251 -15.15 14.05 -13.41
N PHE A 252 -14.84 12.87 -12.85
CA PHE A 252 -14.37 11.74 -13.67
C PHE A 252 -15.35 11.33 -14.72
N TRP A 253 -16.60 11.14 -14.29
CA TRP A 253 -17.66 10.65 -15.16
C TRP A 253 -18.04 11.60 -16.26
N ALA A 254 -18.01 12.91 -15.98
CA ALA A 254 -18.20 13.92 -17.02
C ALA A 254 -17.08 13.83 -18.08
N GLU A 255 -15.89 13.43 -17.66
CA GLU A 255 -14.80 13.31 -18.59
C GLU A 255 -15.09 12.12 -19.48
N GLY A 256 -15.46 11.02 -18.82
CA GLY A 256 -15.92 9.80 -19.48
C GLY A 256 -17.05 10.05 -20.45
N ASP A 257 -18.10 10.72 -19.97
CA ASP A 257 -19.19 11.15 -20.85
C ASP A 257 -18.74 11.86 -22.15
N GLU A 258 -17.60 12.54 -22.11
CA GLU A 258 -17.04 13.15 -23.32
C GLU A 258 -16.39 12.12 -24.21
N MET A 259 -15.84 11.07 -23.60
CA MET A 259 -15.27 9.97 -24.37
C MET A 259 -16.41 9.17 -25.05
N LYS A 260 -17.54 9.02 -24.36
CA LYS A 260 -18.70 8.27 -24.88
C LYS A 260 -19.49 9.03 -25.95
N LYS A 261 -19.60 10.35 -25.81
CA LYS A 261 -20.16 11.25 -26.85
C LYS A 261 -19.47 11.12 -28.21
N LEU A 262 -18.32 10.43 -28.22
CA LEU A 262 -17.60 10.15 -29.46
C LEU A 262 -17.38 8.64 -29.64
N GLY A 263 -18.20 7.81 -28.98
CA GLY A 263 -18.15 6.34 -29.14
C GLY A 263 -17.11 5.55 -28.32
N ILE A 264 -16.23 6.29 -27.66
CA ILE A 264 -15.07 5.75 -26.95
C ILE A 264 -15.40 5.21 -25.55
N GLN A 265 -14.91 4.01 -25.25
CA GLN A 265 -15.07 3.47 -23.91
C GLN A 265 -14.12 4.17 -22.96
N PRO A 266 -14.66 4.89 -21.95
CA PRO A 266 -13.76 5.44 -20.97
C PRO A 266 -13.34 4.34 -20.00
N ILE A 267 -12.11 4.38 -19.51
CA ILE A 267 -11.64 3.39 -18.56
C ILE A 267 -12.55 3.41 -17.30
N PRO A 268 -12.69 2.24 -16.59
CA PRO A 268 -13.76 2.04 -15.59
C PRO A 268 -13.96 3.21 -14.64
N MET A 269 -12.87 3.85 -14.24
CA MET A 269 -12.88 5.01 -13.32
C MET A 269 -13.81 6.16 -13.75
N MET A 270 -13.91 6.35 -15.07
CA MET A 270 -14.55 7.51 -15.64
C MET A 270 -15.91 7.17 -16.19
N ASP A 271 -16.36 5.97 -15.89
CA ASP A 271 -17.50 5.39 -16.57
C ASP A 271 -18.66 5.29 -15.59
N ARG A 272 -19.66 6.16 -15.71
CA ARG A 272 -20.75 6.16 -14.73
C ARG A 272 -21.59 4.89 -14.82
N ASP A 273 -21.36 4.08 -15.83
CA ASP A 273 -22.07 2.82 -15.92
C ASP A 273 -21.42 1.80 -15.02
N LYS A 274 -20.26 2.17 -14.47
CA LYS A 274 -19.45 1.27 -13.65
C LYS A 274 -19.51 1.68 -12.16
N LYS A 275 -20.64 2.28 -11.77
CA LYS A 275 -20.95 2.76 -10.41
C LYS A 275 -20.72 1.77 -9.30
N ASP A 276 -21.25 0.57 -9.48
CA ASP A 276 -21.23 -0.44 -8.43
C ASP A 276 -19.81 -0.99 -8.21
N GLU A 277 -18.88 -0.64 -9.09
CA GLU A 277 -17.47 -1.02 -8.94
C GLU A 277 -16.65 0.03 -8.22
N VAL A 278 -17.27 1.17 -7.91
CA VAL A 278 -16.56 2.21 -7.17
C VAL A 278 -15.86 1.74 -5.87
N PRO A 279 -16.55 1.00 -4.97
CA PRO A 279 -15.84 0.67 -3.73
C PRO A 279 -14.57 -0.16 -3.95
N GLN A 280 -14.66 -1.21 -4.75
CA GLN A 280 -13.48 -1.93 -5.20
C GLN A 280 -12.37 -1.03 -5.78
N GLY A 281 -12.76 -0.01 -6.53
CA GLY A 281 -11.80 0.93 -7.09
C GLY A 281 -11.07 1.65 -5.98
N GLN A 282 -11.83 2.14 -5.00
CA GLN A 282 -11.23 2.86 -3.89
C GLN A 282 -10.20 2.01 -3.16
N LEU A 283 -10.57 0.78 -2.88
CA LEU A 283 -9.68 -0.11 -2.17
C LEU A 283 -8.42 -0.34 -2.97
N GLY A 284 -8.59 -0.50 -4.27
CA GLY A 284 -7.46 -0.70 -5.12
C GLY A 284 -6.50 0.47 -4.95
N PHE A 285 -7.08 1.67 -4.90
CA PHE A 285 -6.35 2.93 -4.93
C PHE A 285 -5.67 3.18 -3.58
N TYR A 286 -6.35 2.81 -2.49
CA TYR A 286 -5.75 2.98 -1.19
C TYR A 286 -4.50 2.12 -1.11
N ASN A 287 -4.62 0.90 -1.64
CA ASN A 287 -3.58 -0.09 -1.50
C ASN A 287 -2.37 0.19 -2.36
N ALA A 288 -2.63 0.49 -3.63
CA ALA A 288 -1.56 0.71 -4.61
C ALA A 288 -1.01 2.12 -4.56
N VAL A 289 -1.75 3.07 -3.98
CA VAL A 289 -1.32 4.45 -4.00
C VAL A 289 -1.27 5.11 -2.62
N ALA A 290 -2.42 5.27 -1.96
CA ALA A 290 -2.52 6.03 -0.71
C ALA A 290 -1.65 5.46 0.39
N ILE A 291 -1.88 4.19 0.72
CA ILE A 291 -1.13 3.57 1.81
C ILE A 291 0.38 3.72 1.61
N PRO A 292 0.92 3.35 0.43
CA PRO A 292 2.36 3.49 0.33
C PRO A 292 2.85 4.95 0.47
N CYS A 293 2.05 5.90 -0.02
CA CYS A 293 2.42 7.29 0.11
C CYS A 293 2.63 7.65 1.57
N TYR A 294 1.60 7.45 2.38
CA TYR A 294 1.68 7.81 3.79
C TYR A 294 2.66 6.91 4.56
N THR A 295 2.75 5.65 4.17
CA THR A 295 3.70 4.78 4.80
C THR A 295 5.12 5.34 4.60
N THR A 296 5.50 5.57 3.35
CA THR A 296 6.81 6.13 3.12
C THR A 296 6.99 7.45 3.88
N LEU A 297 6.00 8.34 3.84
CA LEU A 297 6.11 9.67 4.46
C LEU A 297 6.22 9.61 5.97
N THR A 298 5.48 8.69 6.55
CA THR A 298 5.48 8.58 7.98
C THR A 298 6.90 8.21 8.39
N GLN A 299 7.52 7.37 7.56
CA GLN A 299 8.85 6.88 7.80
C GLN A 299 9.86 8.01 7.74
N ILE A 300 9.74 8.88 6.76
CA ILE A 300 10.71 9.94 6.62
C ILE A 300 10.40 10.97 7.67
N LEU A 301 9.12 11.24 7.92
CA LEU A 301 8.72 12.22 8.92
C LEU A 301 7.76 11.66 9.94
N PRO A 302 8.27 10.95 10.97
CA PRO A 302 7.39 10.31 11.97
C PRO A 302 6.21 11.19 12.41
N PRO A 303 6.45 12.48 12.69
CA PRO A 303 5.31 13.24 13.20
C PRO A 303 4.06 13.18 12.30
N THR A 304 4.23 12.94 11.00
CA THR A 304 3.10 12.87 10.04
C THR A 304 2.19 11.63 10.17
N GLU A 305 2.44 10.81 11.19
CA GLU A 305 1.81 9.51 11.25
C GLU A 305 0.26 9.58 11.21
N PRO A 306 -0.35 10.45 12.03
CA PRO A 306 -1.82 10.52 12.02
C PRO A 306 -2.52 10.46 10.62
N LEU A 307 -1.85 10.97 9.58
CA LEU A 307 -2.34 10.85 8.21
C LEU A 307 -2.47 9.36 7.78
N LEU A 308 -1.38 8.60 7.97
CA LEU A 308 -1.35 7.14 7.76
C LEU A 308 -2.43 6.42 8.54
N LYS A 309 -2.60 6.81 9.81
CA LYS A 309 -3.59 6.17 10.68
C LYS A 309 -4.98 6.32 10.10
N ALA A 310 -5.30 7.56 9.75
CA ALA A 310 -6.58 7.89 9.20
C ALA A 310 -6.82 7.23 7.86
N CYS A 311 -5.76 7.04 7.07
CA CYS A 311 -5.89 6.38 5.76
C CYS A 311 -6.24 4.92 5.99
N ARG A 312 -5.52 4.29 6.90
CA ARG A 312 -5.84 2.93 7.31
C ARG A 312 -7.26 2.85 7.78
N ASP A 313 -7.68 3.78 8.62
CA ASP A 313 -9.05 3.74 9.06
C ASP A 313 -10.01 3.69 7.88
N ASN A 314 -9.89 4.62 6.95
CA ASN A 314 -10.86 4.66 5.88
C ASN A 314 -10.84 3.44 4.98
N LEU A 315 -9.66 2.82 4.89
CA LEU A 315 -9.47 1.76 3.94
C LEU A 315 -10.30 0.57 4.38
N SER A 316 -10.38 0.38 5.70
CA SER A 316 -11.16 -0.72 6.24
C SER A 316 -12.66 -0.42 6.14
N GLN A 317 -13.01 0.86 5.99
CA GLN A 317 -14.42 1.25 5.81
C GLN A 317 -14.87 0.88 4.43
N TRP A 318 -14.01 1.12 3.44
CA TRP A 318 -14.34 0.66 2.11
C TRP A 318 -14.49 -0.86 2.11
N GLU A 319 -13.55 -1.58 2.70
CA GLU A 319 -13.69 -3.04 2.87
C GLU A 319 -15.13 -3.39 3.26
N LYS A 320 -15.57 -2.81 4.39
CA LYS A 320 -16.88 -3.11 4.92
C LYS A 320 -17.92 -2.87 3.87
N VAL A 321 -17.87 -1.69 3.26
CA VAL A 321 -18.73 -1.35 2.16
C VAL A 321 -18.74 -2.48 1.12
N ILE A 322 -17.57 -2.87 0.61
CA ILE A 322 -17.47 -3.96 -0.35
C ILE A 322 -18.09 -5.26 0.18
N ARG A 323 -17.74 -5.63 1.41
CA ARG A 323 -18.24 -6.88 2.04
C ARG A 323 -19.69 -6.76 2.49
N GLY A 324 -20.31 -5.60 2.23
CA GLY A 324 -21.70 -5.36 2.55
C GLY A 324 -21.99 -5.08 4.01
N GLU A 325 -21.48 -3.98 4.54
CA GLU A 325 -21.67 -3.58 5.95
C GLU A 325 -21.09 -2.19 6.25
N MET B 4 24.25 -16.81 8.59
CA MET B 4 22.93 -16.13 8.77
C MET B 4 23.00 -14.60 8.69
N SER B 5 22.10 -13.92 9.40
CA SER B 5 22.07 -12.45 9.53
C SER B 5 21.26 -12.08 10.78
N ILE B 6 21.89 -11.39 11.73
CA ILE B 6 21.29 -11.20 13.06
C ILE B 6 20.61 -9.84 13.27
N CYS B 7 19.38 -9.89 13.77
CA CYS B 7 18.62 -8.68 14.09
C CYS B 7 19.30 -7.93 15.22
N THR B 8 19.36 -6.61 15.11
CA THR B 8 19.93 -5.79 16.18
C THR B 8 19.02 -5.84 17.40
N SER B 9 19.56 -5.47 18.55
CA SER B 9 18.79 -5.48 19.78
C SER B 9 17.66 -4.44 19.76
N GLU B 10 17.93 -3.29 19.15
CA GLU B 10 16.94 -2.22 19.00
C GLU B 10 15.73 -2.69 18.19
N GLU B 11 15.99 -3.47 17.14
CA GLU B 11 14.91 -4.11 16.41
C GLU B 11 13.98 -4.92 17.31
N TRP B 12 14.54 -5.87 18.07
CA TRP B 12 13.66 -6.77 18.85
C TRP B 12 12.94 -6.16 20.05
N GLN B 13 13.57 -5.16 20.68
CA GLN B 13 12.99 -4.56 21.88
C GLN B 13 11.75 -3.74 21.57
N GLY B 14 11.78 -3.07 20.41
CA GLY B 14 10.62 -2.29 19.92
C GLY B 14 9.42 -3.22 19.85
N LEU B 15 9.69 -4.43 19.40
CA LEU B 15 8.66 -5.44 19.26
C LEU B 15 8.04 -5.86 20.59
N MET B 16 8.88 -6.07 21.60
CA MET B 16 8.44 -6.38 22.95
C MET B 16 7.46 -5.31 23.45
N GLN B 17 7.79 -4.05 23.18
CA GLN B 17 6.96 -2.96 23.63
C GLN B 17 5.74 -2.82 22.71
N PHE B 18 5.67 -3.65 21.67
CA PHE B 18 4.59 -3.47 20.73
C PHE B 18 3.23 -3.94 21.24
N THR B 19 2.21 -3.13 20.99
CA THR B 19 0.83 -3.39 21.40
C THR B 19 -0.09 -3.31 20.18
N LEU B 20 -0.86 -4.36 19.92
CA LEU B 20 -1.82 -4.35 18.80
C LEU B 20 -2.93 -3.35 19.07
N PRO B 21 -3.39 -2.65 18.03
CA PRO B 21 -4.61 -1.86 18.12
C PRO B 21 -5.87 -2.71 18.19
N VAL B 22 -6.67 -2.48 19.24
CA VAL B 22 -7.91 -3.22 19.51
C VAL B 22 -8.78 -3.49 18.28
N ARG B 23 -8.84 -2.52 17.36
CA ARG B 23 -9.67 -2.68 16.18
C ARG B 23 -9.17 -3.82 15.24
N LEU B 24 -7.85 -4.01 15.20
CA LEU B 24 -7.26 -5.10 14.44
C LEU B 24 -7.49 -6.46 15.11
N CYS B 25 -7.51 -6.44 16.44
CA CYS B 25 -7.90 -7.62 17.21
C CYS B 25 -9.13 -8.23 16.57
N LYS B 26 -10.13 -7.41 16.34
CA LYS B 26 -11.33 -7.88 15.71
C LYS B 26 -11.00 -8.56 14.37
N GLU B 27 -10.35 -7.83 13.47
CA GLU B 27 -10.31 -8.22 12.05
C GLU B 27 -9.26 -9.27 11.69
N ILE B 28 -8.24 -9.41 12.55
CA ILE B 28 -7.21 -10.41 12.39
C ILE B 28 -7.82 -11.81 12.34
N GLU B 29 -9.00 -11.92 12.93
CA GLU B 29 -9.67 -13.21 13.08
C GLU B 29 -10.32 -13.67 11.79
N LEU B 30 -10.60 -12.75 10.89
CA LEU B 30 -11.29 -13.11 9.66
C LEU B 30 -10.33 -13.79 8.70
N PHE B 31 -10.87 -14.71 7.91
CA PHE B 31 -10.09 -15.39 6.90
C PHE B 31 -9.58 -14.40 5.88
N HIS B 32 -10.45 -13.50 5.46
CA HIS B 32 -10.13 -12.62 4.34
C HIS B 32 -9.21 -11.44 4.70
N PHE B 33 -8.89 -11.30 6.00
CA PHE B 33 -8.05 -10.21 6.46
C PHE B 33 -6.81 -10.05 5.58
N ASP B 34 -6.54 -8.80 5.20
CA ASP B 34 -5.35 -8.43 4.48
C ASP B 34 -4.45 -7.63 5.40
N ILE B 35 -3.24 -8.15 5.60
CA ILE B 35 -2.17 -7.52 6.38
C ILE B 35 -1.45 -6.39 5.67
N GLY B 36 -1.57 -6.29 4.34
CA GLY B 36 -0.75 -5.36 3.54
C GLY B 36 -0.65 -3.92 4.02
N PRO B 37 -1.76 -3.35 4.49
CA PRO B 37 -1.71 -1.97 4.95
C PRO B 37 -0.95 -1.71 6.25
N PHE B 38 -0.37 -2.74 6.87
CA PHE B 38 0.23 -2.56 8.20
C PHE B 38 1.67 -3.05 8.33
N GLU B 39 2.53 -2.70 7.39
CA GLU B 39 3.91 -3.22 7.37
C GLU B 39 4.65 -3.07 8.71
N ASN B 40 4.69 -1.86 9.24
CA ASN B 40 5.31 -1.59 10.51
C ASN B 40 4.80 -2.51 11.62
N MET B 41 3.61 -3.09 11.45
CA MET B 41 2.95 -3.91 12.49
C MET B 41 3.07 -5.41 12.27
N TRP B 42 3.62 -5.83 11.14
CA TRP B 42 3.72 -7.27 10.84
C TRP B 42 4.38 -8.07 11.96
N PRO B 43 5.65 -7.74 12.32
CA PRO B 43 6.28 -8.60 13.32
C PRO B 43 5.42 -8.63 14.57
N GLY B 44 4.74 -7.52 14.87
CA GLY B 44 3.90 -7.47 16.03
C GLY B 44 2.65 -8.32 15.95
N ILE B 45 2.10 -8.42 14.76
CA ILE B 45 0.89 -9.19 14.53
C ILE B 45 1.16 -10.70 14.64
N PHE B 46 2.32 -11.12 14.17
CA PHE B 46 2.71 -12.51 14.30
C PHE B 46 2.66 -12.92 15.79
N VAL B 47 3.33 -12.13 16.63
CA VAL B 47 3.40 -12.33 18.07
C VAL B 47 1.99 -12.44 18.65
N TYR B 48 1.14 -11.48 18.32
CA TYR B 48 -0.24 -11.57 18.77
C TYR B 48 -0.86 -12.91 18.38
N MET B 49 -0.65 -13.32 17.14
CA MET B 49 -1.23 -14.54 16.58
C MET B 49 -0.67 -15.79 17.27
N VAL B 50 0.65 -15.83 17.40
CA VAL B 50 1.32 -16.82 18.22
C VAL B 50 0.69 -16.93 19.62
N HIS B 51 0.59 -15.80 20.33
CA HIS B 51 0.03 -15.81 21.68
C HIS B 51 -1.41 -16.24 21.67
N ARG B 52 -2.15 -15.86 20.65
CA ARG B 52 -3.55 -16.22 20.65
C ARG B 52 -3.81 -17.72 20.50
N SER B 53 -3.08 -18.40 19.62
CA SER B 53 -3.40 -19.83 19.38
C SER B 53 -2.74 -20.72 20.43
N CYS B 54 -1.71 -20.15 21.03
CA CYS B 54 -0.80 -20.80 21.93
C CYS B 54 -0.99 -20.53 23.45
N GLY B 55 -1.59 -19.39 23.79
CA GLY B 55 -1.52 -18.88 25.15
C GLY B 55 -0.41 -17.86 25.30
N THR B 56 -0.54 -17.02 26.33
CA THR B 56 0.43 -15.94 26.62
C THR B 56 1.85 -16.45 26.97
N SER B 57 1.90 -17.66 27.52
CA SER B 57 3.17 -18.29 27.91
C SER B 57 3.69 -19.27 26.85
N CYS B 58 3.19 -19.18 25.60
CA CYS B 58 3.54 -20.15 24.56
C CYS B 58 5.06 -20.30 24.41
N PHE B 59 5.75 -19.17 24.28
CA PHE B 59 7.21 -19.15 24.20
C PHE B 59 7.65 -18.04 25.13
N GLU B 60 8.89 -18.05 25.57
CA GLU B 60 9.37 -16.93 26.35
C GLU B 60 9.71 -15.77 25.41
N LEU B 61 9.00 -14.65 25.65
CA LEU B 61 8.91 -13.48 24.77
C LEU B 61 10.24 -12.96 24.23
N GLU B 62 11.22 -12.85 25.09
CA GLU B 62 12.54 -12.37 24.71
C GLU B 62 13.10 -13.18 23.51
N LYS B 63 13.06 -14.51 23.63
CA LYS B 63 13.62 -15.40 22.59
C LYS B 63 12.79 -15.32 21.32
N LEU B 64 11.49 -15.15 21.48
CA LEU B 64 10.60 -15.12 20.34
C LEU B 64 10.90 -13.93 19.45
N CYS B 65 11.01 -12.76 20.06
CA CYS B 65 11.16 -11.50 19.31
C CYS B 65 12.49 -11.46 18.58
N ARG B 66 13.45 -12.19 19.11
CA ARG B 66 14.73 -12.32 18.44
C ARG B 66 14.56 -13.15 17.16
N PHE B 67 13.80 -14.23 17.31
CA PHE B 67 13.63 -15.17 16.23
C PHE B 67 13.01 -14.44 15.06
N ILE B 68 11.88 -13.81 15.35
CA ILE B 68 11.11 -13.07 14.36
C ILE B 68 11.96 -12.11 13.56
N MET B 69 12.58 -11.13 14.23
CA MET B 69 13.27 -10.03 13.51
C MET B 69 14.49 -10.50 12.74
N SER B 70 15.00 -11.68 13.09
CA SER B 70 16.10 -12.27 12.32
C SER B 70 15.56 -13.03 11.11
N VAL B 71 14.43 -13.74 11.31
CA VAL B 71 13.69 -14.34 10.18
C VAL B 71 13.48 -13.26 9.15
N LYS B 72 13.06 -12.10 9.63
CA LYS B 72 12.67 -10.97 8.79
C LYS B 72 13.86 -10.51 7.99
N LYS B 73 14.99 -10.30 8.68
CA LYS B 73 16.25 -9.94 8.01
C LYS B 73 16.69 -10.93 6.94
N ASN B 74 16.32 -12.19 7.08
CA ASN B 74 16.77 -13.15 6.11
C ASN B 74 15.82 -13.48 4.94
N TYR B 75 14.71 -12.73 4.86
CA TYR B 75 13.92 -12.66 3.64
C TYR B 75 14.52 -11.63 2.77
N ARG B 76 14.54 -11.88 1.47
CA ARG B 76 15.13 -10.94 0.55
C ARG B 76 14.15 -9.88 0.08
N ARG B 77 14.60 -9.08 -0.89
CA ARG B 77 13.89 -7.88 -1.32
C ARG B 77 13.39 -8.10 -2.73
N VAL B 78 13.00 -9.33 -3.02
CA VAL B 78 12.36 -9.72 -4.26
C VAL B 78 10.91 -9.20 -4.27
N PRO B 79 10.24 -9.27 -5.43
CA PRO B 79 8.91 -8.70 -5.48
C PRO B 79 7.85 -9.50 -4.77
N TYR B 80 7.93 -10.82 -4.80
CA TYR B 80 6.83 -11.65 -4.26
C TYR B 80 7.13 -12.47 -3.01
N HIS B 81 8.19 -13.28 -3.10
CA HIS B 81 8.58 -14.21 -2.03
C HIS B 81 9.41 -13.50 -0.93
N ASN B 82 8.73 -12.58 -0.26
CA ASN B 82 9.40 -11.73 0.64
C ASN B 82 8.75 -11.69 2.01
N TRP B 83 9.10 -10.68 2.79
CA TRP B 83 8.71 -10.68 4.17
C TRP B 83 7.16 -10.65 4.21
N LYS B 84 6.56 -9.78 3.41
CA LYS B 84 5.10 -9.72 3.26
C LYS B 84 4.42 -11.07 3.01
N HIS B 85 5.00 -11.84 2.08
CA HIS B 85 4.47 -13.13 1.71
C HIS B 85 4.39 -13.98 2.97
N ALA B 86 5.53 -14.14 3.63
CA ALA B 86 5.62 -15.02 4.81
C ALA B 86 4.55 -14.79 5.86
N VAL B 87 4.30 -13.53 6.18
CA VAL B 87 3.31 -13.19 7.18
C VAL B 87 1.89 -13.42 6.66
N THR B 88 1.66 -13.22 5.36
CA THR B 88 0.32 -13.45 4.79
C THR B 88 0.00 -14.94 5.00
N VAL B 89 0.98 -15.78 4.68
CA VAL B 89 0.82 -17.23 4.75
C VAL B 89 0.50 -17.59 6.21
N ALA B 90 1.38 -17.19 7.12
CA ALA B 90 1.19 -17.37 8.55
C ALA B 90 -0.14 -16.83 9.09
N HIS B 91 -0.67 -15.77 8.50
CA HIS B 91 -1.92 -15.31 9.04
C HIS B 91 -3.00 -16.30 8.66
N CYS B 92 -2.87 -16.88 7.46
CA CYS B 92 -3.91 -17.77 6.98
C CYS B 92 -3.95 -19.03 7.86
N MET B 93 -2.78 -19.46 8.33
CA MET B 93 -2.69 -20.61 9.21
C MET B 93 -3.41 -20.31 10.50
N TYR B 94 -3.11 -19.13 11.04
CA TYR B 94 -3.66 -18.71 12.29
C TYR B 94 -5.16 -18.78 12.19
N ALA B 95 -5.70 -18.26 11.11
CA ALA B 95 -7.12 -18.35 10.89
C ALA B 95 -7.59 -19.80 10.74
N ILE B 96 -6.79 -20.67 10.10
CA ILE B 96 -7.22 -22.07 9.97
C ILE B 96 -7.12 -22.74 11.34
N LEU B 97 -6.01 -22.52 12.04
CA LEU B 97 -5.87 -23.03 13.39
C LEU B 97 -7.01 -22.60 14.30
N GLN B 98 -7.28 -21.31 14.34
CA GLN B 98 -8.30 -20.74 15.21
C GLN B 98 -9.68 -21.29 14.98
N ASN B 99 -9.94 -21.81 13.78
CA ASN B 99 -11.29 -22.29 13.48
C ASN B 99 -11.44 -23.78 13.63
N ASN B 100 -10.38 -24.42 14.12
CA ASN B 100 -10.28 -25.86 14.22
C ASN B 100 -9.37 -26.17 15.39
N HIS B 101 -9.39 -25.27 16.38
CA HIS B 101 -8.31 -25.18 17.35
C HIS B 101 -7.87 -26.54 17.86
N THR B 102 -8.83 -27.32 18.35
CA THR B 102 -8.53 -28.57 19.06
C THR B 102 -8.09 -29.76 18.19
N LEU B 103 -8.43 -29.77 16.89
CA LEU B 103 -7.92 -30.78 15.96
C LEU B 103 -6.40 -30.88 16.02
N PHE B 104 -5.75 -29.87 16.54
CA PHE B 104 -4.30 -29.86 16.47
C PHE B 104 -3.68 -29.72 17.81
N THR B 105 -2.49 -30.29 17.95
CA THR B 105 -1.80 -30.24 19.21
C THR B 105 -1.13 -28.91 19.35
N ASP B 106 -1.01 -28.50 20.61
CA ASP B 106 -0.15 -27.44 21.06
C ASP B 106 1.18 -27.47 20.34
N LEU B 107 1.78 -28.64 20.19
CA LEU B 107 3.05 -28.75 19.51
C LEU B 107 2.90 -28.50 18.01
N GLU B 108 1.76 -28.86 17.45
CA GLU B 108 1.52 -28.65 16.04
C GLU B 108 1.36 -27.18 15.75
N ARG B 109 0.53 -26.50 16.56
CA ARG B 109 0.22 -25.09 16.33
C ARG B 109 1.49 -24.26 16.37
N LYS B 110 2.34 -24.57 17.33
CA LYS B 110 3.59 -23.88 17.51
C LYS B 110 4.43 -24.03 16.25
N GLY B 111 4.56 -25.26 15.78
CA GLY B 111 5.44 -25.57 14.67
C GLY B 111 4.92 -25.01 13.37
N LEU B 112 3.61 -25.18 13.13
CA LEU B 112 3.00 -24.75 11.90
C LEU B 112 3.09 -23.25 11.70
N LEU B 113 2.79 -22.50 12.76
CA LEU B 113 2.88 -21.05 12.67
C LEU B 113 4.27 -20.57 12.37
N ILE B 114 5.26 -21.21 12.98
CA ILE B 114 6.67 -20.87 12.74
C ILE B 114 7.11 -21.32 11.37
N ALA B 115 6.63 -22.50 10.97
CA ALA B 115 6.86 -22.99 9.64
C ALA B 115 6.36 -22.02 8.56
N CYS B 116 5.13 -21.53 8.70
CA CYS B 116 4.63 -20.58 7.70
C CYS B 116 5.50 -19.32 7.61
N LEU B 117 5.85 -18.76 8.76
CA LEU B 117 6.77 -17.63 8.76
C LEU B 117 8.09 -17.93 8.07
N CYS B 118 8.43 -19.19 7.85
CA CYS B 118 9.71 -19.49 7.23
C CYS B 118 9.62 -20.27 5.92
N HIS B 119 8.44 -20.82 5.64
CA HIS B 119 8.08 -21.30 4.32
C HIS B 119 9.07 -20.90 3.18
N ASP B 120 9.27 -19.62 2.91
CA ASP B 120 10.05 -19.20 1.72
C ASP B 120 11.34 -18.44 2.06
N LEU B 121 12.01 -18.83 3.14
CA LEU B 121 13.19 -18.09 3.64
C LEU B 121 14.34 -18.05 2.68
N ASP B 122 14.99 -16.90 2.64
CA ASP B 122 16.14 -16.66 1.75
C ASP B 122 15.82 -16.97 0.27
N HIS B 123 14.53 -16.96 -0.09
CA HIS B 123 14.14 -17.09 -1.50
C HIS B 123 14.90 -16.03 -2.29
N ARG B 124 15.45 -16.42 -3.43
CA ARG B 124 16.23 -15.49 -4.27
C ARG B 124 15.52 -15.04 -5.54
N GLY B 125 14.30 -15.52 -5.75
CA GLY B 125 13.44 -15.02 -6.82
C GLY B 125 13.36 -15.98 -7.98
N PHE B 126 13.65 -17.25 -7.73
CA PHE B 126 13.75 -18.22 -8.82
C PHE B 126 13.08 -19.55 -8.48
N SER B 127 12.38 -20.09 -9.46
CA SER B 127 11.71 -21.38 -9.34
C SER B 127 12.69 -22.55 -9.21
N ASN B 128 12.21 -23.61 -8.58
CA ASN B 128 12.92 -24.90 -8.54
C ASN B 128 13.34 -25.34 -9.95
N SER B 129 12.51 -25.00 -10.93
CA SER B 129 12.76 -25.42 -12.30
C SER B 129 14.02 -24.75 -12.83
N TYR B 130 14.14 -23.45 -12.60
CA TYR B 130 15.32 -22.69 -13.00
C TYR B 130 16.65 -23.29 -12.51
N LEU B 131 16.80 -23.35 -11.20
CA LEU B 131 18.05 -23.81 -10.58
C LEU B 131 18.47 -25.18 -11.11
N GLN B 132 17.48 -26.04 -11.32
CA GLN B 132 17.77 -27.36 -11.84
C GLN B 132 18.29 -27.27 -13.28
N LYS B 133 17.47 -26.73 -14.19
CA LYS B 133 17.87 -26.50 -15.58
C LYS B 133 19.28 -25.91 -15.76
N PHE B 134 19.76 -25.10 -14.81
CA PHE B 134 21.05 -24.44 -14.94
C PHE B 134 22.11 -24.92 -13.96
N ASP B 135 21.88 -26.09 -13.36
CA ASP B 135 22.81 -26.67 -12.37
C ASP B 135 23.35 -25.65 -11.38
N HIS B 136 22.50 -25.25 -10.45
CA HIS B 136 22.90 -24.38 -9.35
C HIS B 136 23.42 -25.28 -8.22
N PRO B 137 24.40 -24.77 -7.43
CA PRO B 137 24.90 -25.56 -6.32
C PRO B 137 23.79 -26.24 -5.51
N LEU B 138 22.65 -25.56 -5.38
CA LEU B 138 21.56 -26.03 -4.55
C LEU B 138 20.86 -27.23 -5.17
N ALA B 139 20.67 -27.19 -6.49
CA ALA B 139 20.08 -28.33 -7.19
C ALA B 139 21.03 -29.50 -7.06
N ALA B 140 22.33 -29.17 -7.03
CA ALA B 140 23.35 -30.13 -6.62
C ALA B 140 23.10 -30.69 -5.22
N LEU B 141 22.99 -29.83 -4.21
CA LEU B 141 22.78 -30.25 -2.80
C LEU B 141 21.49 -31.04 -2.56
N TYR B 142 20.37 -30.52 -3.05
CA TYR B 142 19.08 -31.19 -2.94
C TYR B 142 18.61 -31.48 -4.35
N SER B 143 18.07 -32.68 -4.55
CA SER B 143 17.73 -33.11 -5.88
C SER B 143 16.30 -32.80 -6.21
N THR B 144 15.47 -32.88 -5.19
CA THR B 144 14.07 -32.61 -5.38
C THR B 144 13.63 -31.60 -4.32
N SER B 145 12.58 -30.83 -4.66
CA SER B 145 12.06 -29.71 -3.86
C SER B 145 13.19 -28.80 -3.37
N THR B 146 14.02 -28.36 -4.30
CA THR B 146 15.27 -27.70 -3.98
C THR B 146 15.12 -26.52 -2.98
N MET B 147 14.43 -25.46 -3.39
CA MET B 147 14.34 -24.26 -2.55
C MET B 147 13.73 -24.57 -1.20
N GLU B 148 12.78 -25.50 -1.18
CA GLU B 148 12.05 -25.79 0.05
C GLU B 148 12.99 -26.40 1.08
N GLN B 149 13.97 -27.18 0.64
CA GLN B 149 14.91 -27.80 1.57
C GLN B 149 15.80 -26.71 2.17
N HIS B 150 16.29 -25.85 1.29
CA HIS B 150 17.11 -24.73 1.72
C HIS B 150 16.35 -23.88 2.72
N HIS B 151 15.07 -23.63 2.45
CA HIS B 151 14.26 -22.89 3.40
C HIS B 151 14.35 -23.58 4.76
N PHE B 152 14.17 -24.89 4.81
CA PHE B 152 14.26 -25.59 6.10
C PHE B 152 15.65 -25.46 6.72
N SER B 153 16.69 -25.55 5.89
CA SER B 153 18.07 -25.31 6.34
C SER B 153 18.23 -23.95 7.02
N GLN B 154 17.77 -22.89 6.34
CA GLN B 154 17.72 -21.55 6.91
C GLN B 154 17.01 -21.53 8.26
N THR B 155 15.87 -22.19 8.33
CA THR B 155 15.08 -22.12 9.54
C THR B 155 15.88 -22.57 10.73
N VAL B 156 16.54 -23.72 10.57
CA VAL B 156 17.29 -24.34 11.65
C VAL B 156 18.46 -23.46 12.08
N SER B 157 19.19 -22.96 11.08
CA SER B 157 20.34 -22.09 11.32
C SER B 157 19.98 -20.87 12.17
N ILE B 158 18.74 -20.41 12.02
CA ILE B 158 18.23 -19.31 12.82
C ILE B 158 17.95 -19.72 14.27
N LEU B 159 17.22 -20.82 14.43
CA LEU B 159 17.01 -21.46 15.73
C LEU B 159 18.34 -21.64 16.45
N GLN B 160 19.35 -22.01 15.67
CA GLN B 160 20.69 -22.21 16.18
C GLN B 160 21.51 -20.93 16.37
N LEU B 161 20.86 -19.78 16.31
CA LEU B 161 21.57 -18.53 16.60
C LEU B 161 21.55 -18.21 18.09
N GLU B 162 22.61 -17.51 18.52
CA GLU B 162 22.75 -17.08 19.89
C GLU B 162 21.39 -16.59 20.39
N GLY B 163 20.80 -17.29 21.35
CA GLY B 163 19.59 -16.81 22.04
C GLY B 163 18.32 -16.77 21.21
N HIS B 164 18.34 -17.47 20.07
CA HIS B 164 17.18 -17.56 19.18
C HIS B 164 16.29 -18.80 19.38
N ASN B 165 16.78 -19.78 20.13
CA ASN B 165 16.16 -21.08 20.14
C ASN B 165 14.89 -21.25 20.96
N ILE B 166 13.77 -20.81 20.40
CA ILE B 166 12.46 -20.84 21.08
C ILE B 166 12.01 -22.24 21.54
N PHE B 167 12.64 -23.27 21.00
CA PHE B 167 12.17 -24.61 21.31
C PHE B 167 12.93 -25.31 22.42
N SER B 168 14.11 -24.79 22.74
CA SER B 168 14.91 -25.28 23.86
C SER B 168 14.05 -25.79 25.03
N THR B 169 13.08 -24.98 25.47
CA THR B 169 12.26 -25.28 26.64
C THR B 169 11.33 -26.55 26.61
N LEU B 170 11.46 -27.44 25.63
CA LEU B 170 10.64 -28.68 25.62
C LEU B 170 11.49 -29.96 25.54
N SER B 171 10.90 -31.14 25.77
CA SER B 171 11.68 -32.41 25.72
C SER B 171 12.42 -32.49 24.40
N SER B 172 13.62 -33.06 24.38
CA SER B 172 14.33 -33.29 23.08
C SER B 172 13.56 -34.29 22.19
N SER B 173 12.59 -34.98 22.80
CA SER B 173 11.62 -35.78 22.09
C SER B 173 10.57 -34.89 21.42
N GLU B 174 10.05 -33.93 22.18
CA GLU B 174 9.13 -32.94 21.67
C GLU B 174 9.84 -31.94 20.78
N TYR B 175 11.14 -31.79 21.00
CA TYR B 175 11.95 -30.93 20.16
C TYR B 175 12.11 -31.56 18.76
N GLU B 176 12.39 -32.86 18.71
CA GLU B 176 12.63 -33.54 17.43
C GLU B 176 11.33 -33.72 16.65
N GLN B 177 10.22 -33.81 17.38
CA GLN B 177 8.88 -33.80 16.80
C GLN B 177 8.61 -32.52 16.03
N VAL B 178 8.88 -31.39 16.68
CA VAL B 178 8.43 -30.10 16.17
C VAL B 178 9.20 -29.72 14.92
N LEU B 179 10.47 -30.09 14.86
CA LEU B 179 11.25 -29.82 13.67
C LEU B 179 10.78 -30.71 12.54
N GLU B 180 10.14 -31.80 12.89
CA GLU B 180 9.67 -32.71 11.86
C GLU B 180 8.36 -32.18 11.34
N ILE B 181 7.49 -31.76 12.25
CA ILE B 181 6.26 -31.10 11.88
C ILE B 181 6.60 -29.93 10.94
N ILE B 182 7.62 -29.15 11.34
CA ILE B 182 8.17 -28.05 10.57
C ILE B 182 8.74 -28.52 9.24
N ARG B 183 9.76 -29.37 9.25
CA ARG B 183 10.35 -29.90 8.01
C ARG B 183 9.25 -30.32 7.03
N LYS B 184 8.35 -31.19 7.48
CA LYS B 184 7.32 -31.75 6.60
C LYS B 184 6.52 -30.66 5.92
N ALA B 185 6.14 -29.66 6.70
CA ALA B 185 5.25 -28.64 6.22
C ALA B 185 5.90 -27.69 5.21
N ILE B 186 7.18 -27.40 5.40
CA ILE B 186 7.89 -26.54 4.45
C ILE B 186 8.00 -27.23 3.08
N ILE B 187 8.40 -28.50 3.09
CA ILE B 187 8.45 -29.32 1.87
C ILE B 187 7.09 -29.26 1.17
N ALA B 188 6.03 -29.46 1.95
CA ALA B 188 4.66 -29.44 1.45
C ALA B 188 4.36 -28.24 0.56
N THR B 189 5.08 -27.15 0.79
CA THR B 189 4.88 -25.94 0.02
C THR B 189 5.54 -26.04 -1.37
N ASP B 190 6.16 -27.16 -1.69
CA ASP B 190 6.65 -27.39 -3.04
C ASP B 190 5.43 -27.76 -3.86
N LEU B 191 4.98 -26.83 -4.72
CA LEU B 191 3.73 -27.01 -5.45
C LEU B 191 3.71 -28.34 -6.17
N ALA B 192 4.86 -28.75 -6.66
CA ALA B 192 4.99 -30.06 -7.29
C ALA B 192 4.34 -31.17 -6.44
N LEU B 193 4.60 -31.20 -5.13
CA LEU B 193 4.08 -32.29 -4.26
C LEU B 193 2.59 -32.25 -3.98
N TYR B 194 1.95 -31.14 -4.30
CA TYR B 194 0.60 -30.87 -3.87
C TYR B 194 -0.44 -31.74 -4.58
N PHE B 195 -0.27 -31.97 -5.87
CA PHE B 195 -1.29 -32.66 -6.67
C PHE B 195 -1.42 -34.14 -6.28
N GLY B 196 -0.28 -34.77 -6.03
CA GLY B 196 -0.22 -36.10 -5.47
C GLY B 196 -0.95 -36.07 -4.15
N ASN B 197 -0.57 -35.11 -3.29
CA ASN B 197 -1.14 -35.07 -1.96
C ASN B 197 -2.66 -34.91 -2.03
N ARG B 198 -3.12 -33.92 -2.79
CA ARG B 198 -4.53 -33.60 -2.85
C ARG B 198 -5.33 -34.84 -3.23
N LYS B 199 -4.70 -35.66 -4.10
CA LYS B 199 -5.36 -36.80 -4.74
C LYS B 199 -5.78 -37.84 -3.69
N GLN B 200 -4.80 -38.39 -2.98
CA GLN B 200 -5.09 -39.32 -1.89
C GLN B 200 -6.12 -38.77 -0.89
N LEU B 201 -6.09 -37.45 -0.64
CA LEU B 201 -7.02 -36.90 0.33
C LEU B 201 -8.43 -36.95 -0.26
N GLU B 202 -8.54 -36.74 -1.56
CA GLU B 202 -9.82 -36.88 -2.25
C GLU B 202 -10.30 -38.32 -2.10
N GLU B 203 -9.34 -39.23 -2.20
CA GLU B 203 -9.54 -40.67 -2.04
C GLU B 203 -10.10 -40.95 -0.64
N MET B 204 -9.20 -40.94 0.35
CA MET B 204 -9.53 -41.19 1.75
C MET B 204 -10.84 -40.56 2.17
N TYR B 205 -11.05 -39.33 1.72
CA TYR B 205 -12.21 -38.60 2.14
C TYR B 205 -13.50 -39.32 1.76
N GLN B 206 -13.67 -39.61 0.47
CA GLN B 206 -14.95 -40.18 0.02
C GLN B 206 -15.11 -41.65 0.37
N THR B 207 -14.03 -42.42 0.29
CA THR B 207 -14.06 -43.79 0.81
C THR B 207 -14.48 -43.74 2.29
N GLY B 208 -14.04 -42.71 2.99
CA GLY B 208 -14.34 -42.56 4.41
C GLY B 208 -13.21 -43.11 5.25
N SER B 209 -12.08 -43.37 4.60
CA SER B 209 -10.92 -43.94 5.27
C SER B 209 -10.02 -42.88 5.91
N LEU B 210 -10.39 -41.62 5.71
CA LEU B 210 -9.64 -40.50 6.29
C LEU B 210 -9.76 -40.46 7.81
N ASN B 211 -8.62 -40.45 8.50
CA ASN B 211 -8.57 -40.55 9.97
C ASN B 211 -7.46 -39.71 10.57
N LEU B 212 -7.88 -38.62 11.22
CA LEU B 212 -6.96 -37.68 11.85
C LEU B 212 -6.00 -38.29 12.86
N ASN B 213 -6.29 -39.49 13.34
CA ASN B 213 -5.44 -40.14 14.34
C ASN B 213 -4.27 -40.83 13.71
N ASN B 214 -4.49 -41.23 12.47
CA ASN B 214 -3.50 -41.92 11.65
C ASN B 214 -2.45 -40.91 11.20
N GLN B 215 -1.29 -40.93 11.86
CA GLN B 215 -0.21 -39.96 11.64
C GLN B 215 0.00 -39.62 10.18
N SER B 216 0.05 -40.65 9.32
CA SER B 216 0.29 -40.44 7.91
C SER B 216 -0.82 -39.57 7.27
N HIS B 217 -2.08 -39.95 7.52
CA HIS B 217 -3.25 -39.11 7.22
C HIS B 217 -3.11 -37.64 7.70
N ARG B 218 -2.61 -37.45 8.91
CA ARG B 218 -2.48 -36.10 9.43
C ARG B 218 -1.50 -35.28 8.60
N ASP B 219 -0.25 -35.71 8.55
CA ASP B 219 0.77 -35.06 7.75
C ASP B 219 0.21 -34.56 6.42
N ARG B 220 -0.61 -35.38 5.78
CA ARG B 220 -1.25 -34.98 4.54
C ARG B 220 -2.22 -33.80 4.65
N VAL B 221 -3.12 -33.84 5.64
CA VAL B 221 -3.99 -32.68 5.91
C VAL B 221 -3.18 -31.42 6.19
N ILE B 222 -2.16 -31.57 7.04
CA ILE B 222 -1.25 -30.47 7.34
C ILE B 222 -0.71 -29.95 6.04
N GLY B 223 -0.13 -30.88 5.25
CA GLY B 223 0.34 -30.61 3.90
C GLY B 223 -0.63 -29.73 3.13
N LEU B 224 -1.90 -30.11 3.10
CA LEU B 224 -2.90 -29.37 2.32
C LEU B 224 -3.09 -27.94 2.84
N MET B 225 -3.00 -27.80 4.16
CA MET B 225 -3.08 -26.51 4.85
C MET B 225 -1.93 -25.59 4.45
N MET B 226 -0.71 -26.14 4.38
CA MET B 226 0.39 -25.38 3.82
C MET B 226 0.12 -24.84 2.42
N THR B 227 -0.51 -25.63 1.54
CA THR B 227 -0.74 -25.16 0.17
C THR B 227 -1.85 -24.12 0.19
N ALA B 228 -2.91 -24.42 0.92
CA ALA B 228 -4.02 -23.50 1.02
C ALA B 228 -3.47 -22.17 1.48
N CYS B 229 -2.50 -22.22 2.40
CA CYS B 229 -1.91 -21.00 2.94
C CYS B 229 -0.98 -20.33 1.91
N ASP B 230 -0.16 -21.14 1.24
CA ASP B 230 0.86 -20.56 0.40
C ASP B 230 0.25 -19.81 -0.79
N LEU B 231 -0.97 -20.17 -1.10
CA LEU B 231 -1.70 -19.61 -2.22
C LEU B 231 -2.77 -18.59 -1.85
N CYS B 232 -2.86 -18.10 -0.62
CA CYS B 232 -4.08 -17.38 -0.19
C CYS B 232 -4.34 -15.97 -0.73
N SER B 233 -3.49 -15.43 -1.59
CA SER B 233 -3.87 -14.17 -2.22
C SER B 233 -5.12 -14.43 -3.09
N VAL B 234 -5.21 -15.63 -3.64
CA VAL B 234 -6.41 -16.01 -4.39
C VAL B 234 -7.70 -15.99 -3.54
N THR B 235 -7.56 -15.79 -2.23
CA THR B 235 -8.70 -15.81 -1.33
C THR B 235 -9.02 -14.43 -0.78
N LYS B 236 -8.24 -13.43 -1.19
CA LYS B 236 -8.43 -12.06 -0.69
C LYS B 236 -9.48 -11.33 -1.49
N LEU B 237 -9.93 -10.17 -1.04
CA LEU B 237 -10.87 -9.41 -1.86
C LEU B 237 -10.24 -9.07 -3.22
N TRP B 238 -11.10 -9.00 -4.23
CA TRP B 238 -10.65 -8.80 -5.61
C TRP B 238 -9.50 -7.80 -5.86
N PRO B 239 -9.62 -6.54 -5.40
CA PRO B 239 -8.54 -5.57 -5.73
C PRO B 239 -7.22 -5.88 -5.02
N VAL B 240 -7.27 -6.57 -3.90
CA VAL B 240 -6.07 -7.06 -3.26
C VAL B 240 -5.42 -8.13 -4.13
N THR B 241 -6.25 -9.01 -4.71
CA THR B 241 -5.78 -10.14 -5.53
C THR B 241 -5.11 -9.73 -6.85
N LYS B 242 -5.68 -8.75 -7.57
CA LYS B 242 -5.02 -8.19 -8.75
C LYS B 242 -3.64 -7.67 -8.35
N LEU B 243 -3.62 -6.87 -7.27
CA LEU B 243 -2.39 -6.24 -6.77
C LEU B 243 -1.26 -7.20 -6.44
N THR B 244 -1.61 -8.32 -5.81
CA THR B 244 -0.62 -9.37 -5.58
C THR B 244 -0.14 -10.04 -6.86
N ALA B 245 -1.09 -10.41 -7.72
CA ALA B 245 -0.75 -10.90 -9.05
C ALA B 245 0.40 -10.09 -9.65
N ASN B 246 0.29 -8.77 -9.58
CA ASN B 246 1.38 -7.90 -10.03
C ASN B 246 2.73 -8.31 -9.46
N ASP B 247 2.75 -8.47 -8.15
CA ASP B 247 3.97 -8.83 -7.48
C ASP B 247 4.55 -10.15 -7.98
N ILE B 248 3.71 -11.16 -8.17
CA ILE B 248 4.21 -12.50 -8.55
C ILE B 248 4.72 -12.52 -10.00
N TYR B 249 3.98 -11.85 -10.88
CA TYR B 249 4.37 -11.72 -12.27
C TYR B 249 5.65 -10.90 -12.42
N ALA B 250 5.80 -9.88 -11.58
CA ALA B 250 7.05 -9.13 -11.50
C ALA B 250 8.20 -10.11 -11.23
N GLU B 251 8.03 -11.03 -10.28
CA GLU B 251 9.07 -12.05 -10.07
C GLU B 251 9.23 -12.95 -11.27
N PHE B 252 8.12 -13.55 -11.70
CA PHE B 252 8.13 -14.43 -12.86
C PHE B 252 8.79 -13.82 -14.10
N TRP B 253 8.33 -12.64 -14.53
CA TRP B 253 8.89 -12.04 -15.73
C TRP B 253 10.35 -11.77 -15.55
N ALA B 254 10.73 -11.46 -14.31
CA ALA B 254 12.13 -11.20 -14.04
C ALA B 254 12.93 -12.50 -14.23
N GLU B 255 12.33 -13.63 -13.88
CA GLU B 255 12.93 -14.93 -14.19
C GLU B 255 12.95 -15.19 -15.71
N GLY B 256 11.89 -14.80 -16.41
CA GLY B 256 11.78 -15.08 -17.82
C GLY B 256 12.88 -14.39 -18.58
N ASP B 257 13.29 -13.23 -18.09
CA ASP B 257 14.34 -12.47 -18.74
C ASP B 257 15.72 -13.15 -18.75
N GLU B 258 16.12 -13.72 -17.62
CA GLU B 258 17.39 -14.43 -17.53
C GLU B 258 17.45 -15.59 -18.53
N MET B 259 16.34 -16.29 -18.69
CA MET B 259 16.26 -17.38 -19.66
C MET B 259 16.29 -16.88 -21.09
N LYS B 260 15.71 -15.70 -21.34
CA LYS B 260 15.75 -15.09 -22.67
C LYS B 260 17.17 -14.64 -22.95
N LYS B 261 17.79 -14.02 -21.94
CA LYS B 261 19.21 -13.68 -21.97
C LYS B 261 20.10 -14.91 -22.24
N LEU B 262 19.63 -16.11 -21.88
CA LEU B 262 20.37 -17.35 -22.15
C LEU B 262 19.83 -18.09 -23.40
N GLY B 263 19.22 -17.32 -24.31
CA GLY B 263 18.70 -17.83 -25.59
C GLY B 263 17.42 -18.65 -25.55
N ILE B 264 17.05 -19.10 -24.35
CA ILE B 264 15.90 -19.99 -24.11
C ILE B 264 14.61 -19.20 -23.96
N GLN B 265 13.51 -19.79 -24.38
CA GLN B 265 12.22 -19.14 -24.21
C GLN B 265 11.58 -19.58 -22.92
N PRO B 266 11.19 -18.61 -22.05
CA PRO B 266 10.43 -18.88 -20.84
C PRO B 266 9.07 -19.52 -21.11
N ILE B 267 8.54 -20.22 -20.12
CA ILE B 267 7.17 -20.67 -20.19
C ILE B 267 6.25 -19.44 -20.24
N PRO B 268 5.01 -19.58 -20.75
CA PRO B 268 4.21 -18.36 -20.94
C PRO B 268 4.00 -17.48 -19.69
N MET B 269 3.94 -18.07 -18.49
CA MET B 269 3.71 -17.26 -17.29
C MET B 269 4.95 -16.48 -16.85
N MET B 270 6.11 -16.83 -17.38
CA MET B 270 7.31 -16.07 -17.06
C MET B 270 7.72 -15.09 -18.16
N ASP B 271 6.92 -15.05 -19.24
CA ASP B 271 7.20 -14.19 -20.41
C ASP B 271 6.40 -12.92 -20.31
N ARG B 272 7.10 -11.80 -20.14
CA ARG B 272 6.43 -10.50 -20.02
C ARG B 272 5.85 -10.02 -21.33
N ASP B 273 6.07 -10.78 -22.39
CA ASP B 273 5.54 -10.41 -23.69
C ASP B 273 4.21 -11.11 -23.90
N LYS B 274 3.78 -11.82 -22.86
CA LYS B 274 2.53 -12.53 -22.92
C LYS B 274 1.53 -12.06 -21.87
N LYS B 275 1.57 -10.80 -21.47
CA LYS B 275 0.51 -10.24 -20.63
C LYS B 275 -0.91 -10.67 -21.03
N ASP B 276 -1.24 -10.63 -22.32
CA ASP B 276 -2.59 -10.92 -22.78
C ASP B 276 -3.11 -12.24 -22.33
N GLU B 277 -2.22 -13.21 -22.28
CA GLU B 277 -2.61 -14.58 -21.97
C GLU B 277 -2.86 -14.73 -20.46
N VAL B 278 -2.37 -13.76 -19.68
CA VAL B 278 -2.47 -13.82 -18.21
C VAL B 278 -3.86 -14.23 -17.69
N PRO B 279 -4.92 -13.47 -18.07
CA PRO B 279 -6.24 -13.83 -17.59
C PRO B 279 -6.60 -15.29 -17.85
N GLN B 280 -6.28 -15.79 -19.04
CA GLN B 280 -6.51 -17.19 -19.34
C GLN B 280 -5.64 -18.09 -18.44
N GLY B 281 -4.46 -17.59 -18.05
CA GLY B 281 -3.54 -18.27 -17.09
C GLY B 281 -4.06 -18.35 -15.65
N GLN B 282 -4.56 -17.25 -15.10
CA GLN B 282 -5.26 -17.30 -13.84
C GLN B 282 -6.41 -18.31 -13.91
N LEU B 283 -7.23 -18.14 -14.93
CA LEU B 283 -8.41 -18.95 -15.13
C LEU B 283 -8.04 -20.40 -14.96
N GLY B 284 -6.98 -20.79 -15.65
CA GLY B 284 -6.46 -22.15 -15.55
C GLY B 284 -5.98 -22.50 -14.17
N PHE B 285 -5.18 -21.60 -13.59
CA PHE B 285 -4.62 -21.80 -12.27
C PHE B 285 -5.72 -22.06 -11.25
N TYR B 286 -6.72 -21.18 -11.23
CA TYR B 286 -7.85 -21.33 -10.31
C TYR B 286 -8.57 -22.63 -10.57
N ASN B 287 -8.70 -22.95 -11.86
CA ASN B 287 -9.37 -24.17 -12.28
C ASN B 287 -8.62 -25.45 -11.89
N ALA B 288 -7.35 -25.54 -12.28
CA ALA B 288 -6.54 -26.71 -11.99
C ALA B 288 -6.08 -26.82 -10.55
N VAL B 289 -5.85 -25.69 -9.91
CA VAL B 289 -5.01 -25.69 -8.71
C VAL B 289 -5.69 -25.12 -7.47
N ALA B 290 -6.07 -23.85 -7.53
CA ALA B 290 -6.63 -23.20 -6.36
C ALA B 290 -7.97 -23.83 -5.93
N ILE B 291 -8.99 -23.77 -6.80
CA ILE B 291 -10.34 -24.29 -6.48
C ILE B 291 -10.26 -25.71 -5.94
N PRO B 292 -9.68 -26.63 -6.73
CA PRO B 292 -9.45 -27.97 -6.21
C PRO B 292 -8.84 -27.96 -4.80
N CYS B 293 -7.82 -27.11 -4.58
CA CYS B 293 -7.19 -26.98 -3.25
C CYS B 293 -8.20 -26.63 -2.14
N TYR B 294 -8.95 -25.54 -2.32
CA TYR B 294 -9.85 -25.11 -1.25
C TYR B 294 -11.08 -26.00 -1.11
N THR B 295 -11.51 -26.61 -2.23
CA THR B 295 -12.63 -27.54 -2.21
C THR B 295 -12.31 -28.74 -1.35
N THR B 296 -11.15 -29.33 -1.59
CA THR B 296 -10.74 -30.50 -0.81
C THR B 296 -10.58 -30.11 0.65
N LEU B 297 -10.18 -28.86 0.90
CA LEU B 297 -9.99 -28.39 2.29
C LEU B 297 -11.28 -28.19 3.07
N THR B 298 -12.29 -27.61 2.44
CA THR B 298 -13.61 -27.41 3.05
C THR B 298 -14.35 -28.73 3.37
N GLN B 299 -14.02 -29.77 2.63
CA GLN B 299 -14.57 -31.09 2.89
C GLN B 299 -13.93 -31.65 4.15
N ILE B 300 -12.62 -31.50 4.26
CA ILE B 300 -11.89 -32.00 5.41
C ILE B 300 -12.13 -31.16 6.66
N LEU B 301 -11.95 -29.85 6.52
CA LEU B 301 -12.17 -28.93 7.63
C LEU B 301 -13.23 -27.92 7.23
N PRO B 302 -14.53 -28.21 7.53
CA PRO B 302 -15.64 -27.32 7.14
C PRO B 302 -15.54 -25.87 7.64
N PRO B 303 -14.91 -25.66 8.82
CA PRO B 303 -14.73 -24.26 9.22
C PRO B 303 -13.83 -23.40 8.28
N THR B 304 -13.12 -24.03 7.34
CA THR B 304 -12.35 -23.30 6.30
C THR B 304 -13.15 -22.98 5.03
N GLU B 305 -14.47 -23.15 5.10
CA GLU B 305 -15.39 -22.80 4.02
C GLU B 305 -15.19 -21.41 3.36
N PRO B 306 -15.03 -20.31 4.15
CA PRO B 306 -14.94 -18.99 3.48
C PRO B 306 -13.71 -18.78 2.60
N LEU B 307 -12.66 -19.57 2.81
CA LEU B 307 -11.58 -19.59 1.84
C LEU B 307 -12.07 -20.02 0.45
N LEU B 308 -12.79 -21.14 0.39
CA LEU B 308 -13.46 -21.56 -0.85
C LEU B 308 -14.39 -20.48 -1.45
N LYS B 309 -15.23 -19.85 -0.63
CA LYS B 309 -16.16 -18.83 -1.09
C LYS B 309 -15.44 -17.73 -1.87
N ALA B 310 -14.31 -17.26 -1.33
CA ALA B 310 -13.53 -16.15 -1.91
C ALA B 310 -12.77 -16.51 -3.17
N CYS B 311 -12.31 -17.74 -3.24
CA CYS B 311 -11.63 -18.20 -4.42
C CYS B 311 -12.60 -18.05 -5.55
N ARG B 312 -13.72 -18.76 -5.38
CA ARG B 312 -14.85 -18.74 -6.30
C ARG B 312 -15.19 -17.33 -6.77
N ASP B 313 -15.30 -16.36 -5.85
CA ASP B 313 -15.51 -14.96 -6.25
C ASP B 313 -14.40 -14.46 -7.17
N ASN B 314 -13.15 -14.73 -6.80
CA ASN B 314 -12.04 -14.34 -7.66
C ASN B 314 -12.05 -15.06 -9.01
N LEU B 315 -12.53 -16.31 -9.01
CA LEU B 315 -12.75 -17.07 -10.25
C LEU B 315 -13.78 -16.38 -11.16
N SER B 316 -14.94 -16.02 -10.62
CA SER B 316 -15.95 -15.20 -11.31
C SER B 316 -15.31 -13.99 -11.92
N GLN B 317 -14.55 -13.30 -11.09
CA GLN B 317 -13.90 -12.05 -11.46
C GLN B 317 -12.93 -12.24 -12.61
N TRP B 318 -12.07 -13.26 -12.55
CA TRP B 318 -11.22 -13.53 -13.71
C TRP B 318 -12.05 -13.77 -14.98
N GLU B 319 -12.99 -14.72 -14.89
CA GLU B 319 -14.02 -14.96 -15.91
C GLU B 319 -14.60 -13.69 -16.52
N LYS B 320 -14.99 -12.73 -15.67
CA LYS B 320 -15.49 -11.45 -16.19
C LYS B 320 -14.44 -10.67 -17.01
N VAL B 321 -13.16 -10.93 -16.81
CA VAL B 321 -12.08 -10.18 -17.50
C VAL B 321 -11.83 -10.79 -18.87
N ILE B 322 -11.88 -12.12 -18.90
CA ILE B 322 -11.71 -12.91 -20.11
C ILE B 322 -12.80 -12.59 -21.12
N ARG B 323 -14.05 -12.57 -20.65
CA ARG B 323 -15.19 -12.16 -21.46
C ARG B 323 -15.23 -10.64 -21.59
N GLY B 324 -14.07 -10.00 -21.42
CA GLY B 324 -13.94 -8.54 -21.50
C GLY B 324 -15.12 -7.71 -20.98
N GLU B 325 -15.20 -7.54 -19.66
CA GLU B 325 -16.21 -6.69 -19.00
C GLU B 325 -15.52 -5.77 -18.01
ZN ZN C . -4.72 18.37 -6.97
MG MG D . -2.46 19.20 -10.26
C9 8G3 E . -9.95 9.21 -4.16
C8 8G3 E . -9.26 10.39 -3.85
C5 8G3 E . -9.54 8.92 -5.45
C15 8G3 E . -10.29 4.57 -8.66
C12 8G3 E . -11.95 3.56 -9.46
C18 8G3 E . -11.95 1.77 -11.55
C3 8G3 E . -8.35 8.95 -7.94
C17 8G3 E . -10.80 2.32 -11.18
C19 8G3 E . -13.14 2.20 -10.77
C4 8G3 E . -8.09 9.92 -7.06
C2 8G3 E . -9.29 7.94 -7.44
C10 8G3 E . -9.33 11.13 -2.60
C20 8G3 E . -9.53 5.48 -7.80
C21 8G3 E . -9.61 6.86 -8.42
N7 8G3 E . -8.49 10.82 -4.86
N11 8G3 E . -11.65 4.43 -8.52
N14 8G3 E . -9.73 3.85 -9.64
N1 8G3 E . -9.86 7.92 -6.28
N16 8G3 E . -13.16 3.05 -9.78
N6 8G3 E . -8.68 9.91 -5.83
N13 8G3 E . -10.80 3.21 -10.14
O22 8G3 E . -7.23 10.96 -7.33
ZN ZN F . 5.46 -19.36 -0.56
MG MG G . 8.09 -21.47 -1.79
#